data_7BW9
#
_entry.id   7BW9
#
_cell.length_a   120.323
_cell.length_b   76.307
_cell.length_c   96.726
_cell.angle_alpha   90.000
_cell.angle_beta   95.520
_cell.angle_gamma   90.000
#
_symmetry.space_group_name_H-M   'C 1 2 1'
#
loop_
_entity.id
_entity.type
_entity.pdbx_description
1 polymer 'Serine acetyltransferase 1, putative'
2 non-polymer CYSTEINE
3 water water
#
_entity_poly.entity_id   1
_entity_poly.type   'polypeptide(L)'
_entity_poly.pdbx_seq_one_letter_code
;MSSLLQQTSQLLVQSYQSDNIAFKSTKQFPEKKSFLELELIQKILFPDFFTRRDKRTFNNVLERLSLLVYHIQNSIEAYY
NQQLAEKCITALLSQFVTIRELVKQDIIAAYTGDPAASSLAMIIRSYPGIHVMMIQRVAHILYMNGDIEYSRELMENIHS
VTGIDIHPGTSIGNHFFIDHGVGVVIGETAVIGNWCRVYQSVTLGAMSFKEDNGIVIKGNKRHPTIGDFVVIGAGAKVLG
NITIGSNVKIGANCWITQNIDQDQIVFISEHPSQITKSSTKQSSKDDKIILQSLTENKISEEQENLSWVNSPELLCTYTS
EESTPINLDCFVSCQQ
;
_entity_poly.pdbx_strand_id   A,B,C
#
# COMPACT_ATOMS: atom_id res chain seq x y z
N MET A 1 -28.39 9.14 -18.81
CA MET A 1 -29.67 9.04 -19.50
C MET A 1 -30.01 7.59 -19.87
N SER A 2 -31.30 7.25 -19.73
CA SER A 2 -31.71 5.86 -19.74
C SER A 2 -31.47 5.20 -21.09
N SER A 3 -31.81 5.90 -22.16
CA SER A 3 -31.59 5.35 -23.49
C SER A 3 -30.12 5.04 -23.71
N LEU A 4 -29.23 5.90 -23.23
CA LEU A 4 -27.81 5.60 -23.34
C LEU A 4 -27.41 4.44 -22.43
N LEU A 5 -27.98 4.38 -21.22
CA LEU A 5 -27.71 3.25 -20.32
C LEU A 5 -28.16 1.94 -20.92
N GLN A 6 -29.31 1.94 -21.61
CA GLN A 6 -29.82 0.69 -22.17
C GLN A 6 -28.97 0.21 -23.33
N GLN A 7 -28.53 1.13 -24.20
CA GLN A 7 -27.69 0.70 -25.31
C GLN A 7 -26.36 0.16 -24.80
N THR A 8 -25.73 0.89 -23.88
CA THR A 8 -24.46 0.43 -23.33
C THR A 8 -24.63 -0.94 -22.67
N SER A 9 -25.72 -1.11 -21.90
CA SER A 9 -26.01 -2.40 -21.30
C SER A 9 -26.09 -3.48 -22.38
N GLN A 10 -26.84 -3.21 -23.47
CA GLN A 10 -26.98 -4.19 -24.54
C GLN A 10 -25.67 -4.41 -25.28
N LEU A 11 -24.88 -3.34 -25.50
CA LEU A 11 -23.57 -3.53 -26.12
C LEU A 11 -22.64 -4.36 -25.23
N LEU A 12 -22.73 -4.16 -23.91
CA LEU A 12 -21.92 -4.98 -23.01
C LEU A 12 -22.32 -6.44 -23.09
N VAL A 13 -23.63 -6.72 -23.10
CA VAL A 13 -24.10 -8.09 -23.28
C VAL A 13 -23.52 -8.69 -24.56
N GLN A 14 -23.55 -7.92 -25.66
CA GLN A 14 -22.99 -8.41 -26.91
C GLN A 14 -21.50 -8.64 -26.78
N SER A 15 -20.82 -7.74 -26.06
CA SER A 15 -19.39 -7.90 -25.83
C SER A 15 -19.10 -9.18 -25.06
N TYR A 16 -19.88 -9.47 -24.01
CA TYR A 16 -19.65 -10.71 -23.25
C TYR A 16 -19.68 -11.91 -24.18
N GLN A 17 -20.64 -11.93 -25.11
CA GLN A 17 -20.86 -13.12 -25.92
C GLN A 17 -19.77 -13.32 -26.96
N SER A 18 -19.22 -12.23 -27.51
CA SER A 18 -18.12 -12.36 -28.45
C SER A 18 -16.78 -12.64 -27.79
N ASP A 19 -16.75 -12.75 -26.46
CA ASP A 19 -15.48 -12.98 -25.78
C ASP A 19 -14.85 -14.29 -26.23
N ASN A 20 -13.53 -14.31 -26.30
CA ASN A 20 -12.84 -15.57 -26.42
C ASN A 20 -13.17 -16.46 -25.23
N ILE A 21 -13.18 -17.77 -25.48
CA ILE A 21 -13.50 -18.78 -24.46
C ILE A 21 -12.66 -18.60 -23.21
N ALA A 22 -11.43 -18.08 -23.36
CA ALA A 22 -10.54 -17.96 -22.22
C ALA A 22 -11.07 -16.98 -21.17
N PHE A 23 -11.90 -16.03 -21.59
CA PHE A 23 -12.47 -15.04 -20.69
C PHE A 23 -13.76 -15.48 -20.03
N LYS A 24 -14.26 -16.66 -20.37
CA LYS A 24 -15.55 -17.14 -19.87
C LYS A 24 -15.32 -18.21 -18.82
N SER A 25 -16.30 -18.36 -17.94
CA SER A 25 -16.18 -19.33 -16.88
C SER A 25 -17.58 -19.64 -16.35
N THR A 26 -17.85 -20.92 -16.13
CA THR A 26 -19.13 -21.37 -15.64
C THR A 26 -19.16 -21.51 -14.15
N LYS A 27 -18.12 -21.07 -13.46
CA LYS A 27 -17.96 -21.32 -12.05
C LYS A 27 -18.49 -20.16 -11.21
N GLN A 28 -18.65 -20.42 -9.92
CA GLN A 28 -19.19 -19.46 -8.97
C GLN A 28 -18.09 -19.13 -7.96
N PHE A 29 -17.42 -17.93 -8.14
CA PHE A 29 -16.35 -17.59 -7.20
C PHE A 29 -16.91 -16.83 -6.01
N PRO A 30 -16.24 -16.89 -4.87
CA PRO A 30 -16.64 -16.04 -3.74
C PRO A 30 -16.60 -14.57 -4.12
N GLU A 31 -17.51 -13.81 -3.51
CA GLU A 31 -17.59 -12.38 -3.76
C GLU A 31 -16.31 -11.68 -3.30
N LYS A 32 -15.89 -10.65 -4.04
CA LYS A 32 -14.72 -9.85 -3.68
C LYS A 32 -15.16 -8.45 -3.32
N LYS A 33 -14.82 -8.00 -2.12
CA LYS A 33 -15.15 -6.67 -1.65
C LYS A 33 -13.93 -5.76 -1.74
N SER A 34 -14.18 -4.49 -2.07
CA SER A 34 -13.13 -3.47 -2.07
C SER A 34 -13.75 -2.10 -1.79
N PHE A 35 -14.09 -1.36 -2.85
CA PHE A 35 -14.88 -0.14 -2.70
C PHE A 35 -15.83 -0.07 -3.89
N LEU A 36 -16.79 0.84 -3.81
CA LEU A 36 -17.97 0.72 -4.66
C LEU A 36 -17.61 0.69 -6.15
N GLU A 37 -16.84 1.68 -6.62
CA GLU A 37 -16.57 1.75 -8.05
C GLU A 37 -15.80 0.53 -8.55
N LEU A 38 -14.85 0.02 -7.75
CA LEU A 38 -14.08 -1.14 -8.21
C LEU A 38 -14.94 -2.40 -8.26
N GLU A 39 -15.70 -2.65 -7.19
CA GLU A 39 -16.58 -3.81 -7.19
C GLU A 39 -17.53 -3.77 -8.39
N LEU A 40 -18.11 -2.60 -8.66
CA LEU A 40 -19.07 -2.50 -9.75
C LEU A 40 -18.39 -2.65 -11.11
N ILE A 41 -17.25 -1.99 -11.31
CA ILE A 41 -16.57 -2.10 -12.58
C ILE A 41 -16.16 -3.54 -12.84
N GLN A 42 -15.71 -4.23 -11.80
CA GLN A 42 -15.34 -5.63 -11.95
C GLN A 42 -16.51 -6.46 -12.43
N LYS A 43 -17.68 -6.30 -11.77
CA LYS A 43 -18.87 -7.04 -12.17
C LYS A 43 -19.34 -6.63 -13.56
N ILE A 44 -19.22 -5.35 -13.89
CA ILE A 44 -19.64 -4.91 -15.23
C ILE A 44 -18.73 -5.50 -16.31
N LEU A 45 -17.41 -5.49 -16.08
CA LEU A 45 -16.52 -5.91 -17.16
C LEU A 45 -16.38 -7.42 -17.26
N PHE A 46 -16.48 -8.16 -16.17
CA PHE A 46 -16.31 -9.61 -16.18
C PHE A 46 -17.29 -10.28 -15.23
N PRO A 47 -18.59 -10.25 -15.56
CA PRO A 47 -19.56 -10.90 -14.66
C PRO A 47 -19.20 -12.32 -14.30
N ASP A 48 -18.63 -13.09 -15.22
CA ASP A 48 -18.38 -14.50 -14.90
C ASP A 48 -17.46 -14.68 -13.70
N PHE A 49 -16.61 -13.70 -13.38
CA PHE A 49 -15.66 -13.88 -12.28
C PHE A 49 -16.06 -13.17 -11.01
N PHE A 50 -17.09 -12.31 -11.04
CA PHE A 50 -17.40 -11.49 -9.89
C PHE A 50 -18.86 -11.51 -9.44
N THR A 51 -19.77 -12.15 -10.16
CA THR A 51 -21.18 -12.09 -9.80
C THR A 51 -21.74 -13.48 -9.49
N ARG A 52 -22.81 -13.47 -8.69
CA ARG A 52 -23.64 -14.66 -8.50
C ARG A 52 -24.24 -15.12 -9.82
N ARG A 53 -24.24 -16.43 -10.05
CA ARG A 53 -24.66 -16.95 -11.35
C ARG A 53 -26.10 -16.55 -11.70
N ASP A 54 -26.95 -16.31 -10.71
CA ASP A 54 -28.32 -15.86 -10.98
C ASP A 54 -28.45 -14.33 -11.04
N LYS A 55 -27.36 -13.61 -11.31
CA LYS A 55 -27.40 -12.16 -11.48
C LYS A 55 -26.65 -11.75 -12.74
N ARG A 56 -26.89 -12.45 -13.84
CA ARG A 56 -26.17 -12.18 -15.08
C ARG A 56 -27.11 -11.98 -16.25
N THR A 57 -28.26 -11.36 -16.01
CA THR A 57 -29.21 -11.01 -17.06
C THR A 57 -29.01 -9.57 -17.50
N PHE A 58 -29.59 -9.22 -18.66
CA PHE A 58 -29.48 -7.85 -19.18
C PHE A 58 -29.82 -6.84 -18.09
N ASN A 59 -30.84 -7.14 -17.30
CA ASN A 59 -31.30 -6.18 -16.31
C ASN A 59 -30.32 -6.05 -15.15
N ASN A 60 -29.67 -7.14 -14.78
CA ASN A 60 -28.63 -7.05 -13.76
C ASN A 60 -27.47 -6.18 -14.26
N VAL A 61 -27.09 -6.32 -15.53
CA VAL A 61 -26.08 -5.45 -16.12
C VAL A 61 -26.53 -4.00 -16.06
N LEU A 62 -27.80 -3.75 -16.41
CA LEU A 62 -28.31 -2.39 -16.42
C LEU A 62 -28.38 -1.81 -15.01
N GLU A 63 -28.74 -2.64 -14.02
CA GLU A 63 -28.73 -2.17 -12.64
C GLU A 63 -27.33 -1.76 -12.21
N ARG A 64 -26.35 -2.61 -12.47
CA ARG A 64 -24.98 -2.31 -12.04
C ARG A 64 -24.43 -1.09 -12.77
N LEU A 65 -24.70 -0.99 -14.07
CA LEU A 65 -24.23 0.15 -14.83
C LEU A 65 -24.85 1.44 -14.30
N SER A 66 -26.17 1.42 -14.05
CA SER A 66 -26.88 2.60 -13.57
C SER A 66 -26.37 3.03 -12.20
N LEU A 67 -26.18 2.07 -11.28
CA LEU A 67 -25.62 2.41 -9.97
C LEU A 67 -24.23 3.02 -10.10
N LEU A 68 -23.40 2.46 -10.98
CA LEU A 68 -22.05 3.01 -11.11
C LEU A 68 -22.08 4.45 -11.59
N VAL A 69 -22.75 4.70 -12.73
CA VAL A 69 -22.68 6.03 -13.34
C VAL A 69 -23.35 7.04 -12.43
N TYR A 70 -24.40 6.63 -11.73
CA TYR A 70 -25.10 7.60 -10.90
C TYR A 70 -24.32 7.91 -9.63
N HIS A 71 -23.52 6.96 -9.13
CA HIS A 71 -22.58 7.36 -8.07
C HIS A 71 -21.51 8.30 -8.63
N ILE A 72 -21.04 8.04 -9.86
CA ILE A 72 -20.05 8.94 -10.45
C ILE A 72 -20.66 10.31 -10.68
N GLN A 73 -21.89 10.34 -11.22
CA GLN A 73 -22.55 11.62 -11.46
C GLN A 73 -22.71 12.41 -10.18
N ASN A 74 -23.09 11.74 -9.09
CA ASN A 74 -23.27 12.46 -7.82
C ASN A 74 -21.96 13.01 -7.28
N SER A 75 -20.85 12.30 -7.47
CA SER A 75 -19.58 12.82 -6.96
C SER A 75 -19.10 14.00 -7.80
N ILE A 76 -19.29 13.94 -9.13
CA ILE A 76 -18.82 15.04 -9.97
C ILE A 76 -19.63 16.30 -9.71
N GLU A 77 -20.96 16.15 -9.56
CA GLU A 77 -21.81 17.28 -9.19
C GLU A 77 -21.31 17.97 -7.94
N ALA A 78 -20.94 17.18 -6.91
CA ALA A 78 -20.50 17.77 -5.66
C ALA A 78 -19.31 18.69 -5.86
N TYR A 79 -18.37 18.28 -6.72
CA TYR A 79 -17.22 19.14 -7.00
C TYR A 79 -17.54 20.26 -7.99
N TYR A 80 -18.52 20.05 -8.86
CA TYR A 80 -18.82 20.95 -9.97
C TYR A 80 -20.32 21.23 -10.10
N ASN A 81 -20.95 20.64 -11.11
CA ASN A 81 -22.37 20.85 -11.37
C ASN A 81 -22.90 19.70 -12.21
N GLN A 82 -24.23 19.68 -12.37
CA GLN A 82 -24.86 18.57 -13.08
C GLN A 82 -24.51 18.55 -14.56
N GLN A 83 -24.31 19.72 -15.19
CA GLN A 83 -24.02 19.71 -16.62
C GLN A 83 -22.72 18.97 -16.92
N LEU A 84 -21.64 19.35 -16.23
CA LEU A 84 -20.36 18.69 -16.42
C LEU A 84 -20.45 17.20 -16.06
N ALA A 85 -21.15 16.88 -14.98
CA ALA A 85 -21.34 15.48 -14.59
C ALA A 85 -21.99 14.68 -15.71
N GLU A 86 -23.08 15.19 -16.29
CA GLU A 86 -23.73 14.53 -17.42
C GLU A 86 -22.78 14.35 -18.60
N LYS A 87 -22.02 15.40 -18.92
CA LYS A 87 -21.05 15.31 -20.02
C LYS A 87 -20.05 14.19 -19.77
N CYS A 88 -19.49 14.13 -18.55
CA CYS A 88 -18.51 13.10 -18.25
C CYS A 88 -19.12 11.71 -18.33
N ILE A 89 -20.33 11.56 -17.81
CA ILE A 89 -21.02 10.28 -17.81
C ILE A 89 -21.30 9.82 -19.23
N THR A 90 -21.74 10.75 -20.08
CA THR A 90 -22.09 10.38 -21.45
C THR A 90 -20.87 9.83 -22.16
N ALA A 91 -19.73 10.50 -22.01
CA ALA A 91 -18.50 10.03 -22.63
C ALA A 91 -18.11 8.67 -22.10
N LEU A 92 -18.27 8.46 -20.78
CA LEU A 92 -17.91 7.17 -20.18
C LEU A 92 -18.77 6.04 -20.73
N LEU A 93 -20.10 6.24 -20.75
CA LEU A 93 -20.99 5.20 -21.26
C LEU A 93 -20.67 4.86 -22.71
N SER A 94 -20.50 5.88 -23.55
CA SER A 94 -20.21 5.64 -24.96
C SER A 94 -18.87 4.96 -25.18
N GLN A 95 -17.93 5.09 -24.25
CA GLN A 95 -16.64 4.43 -24.36
C GLN A 95 -16.56 3.10 -23.60
N PHE A 96 -17.66 2.64 -23.01
CA PHE A 96 -17.54 1.59 -22.02
C PHE A 96 -17.09 0.26 -22.64
N VAL A 97 -17.59 -0.08 -23.82
CA VAL A 97 -17.14 -1.32 -24.43
C VAL A 97 -15.70 -1.18 -24.91
N THR A 98 -15.32 0.00 -25.41
CA THR A 98 -13.91 0.24 -25.73
C THR A 98 -13.00 -0.02 -24.52
N ILE A 99 -13.40 0.49 -23.36
CA ILE A 99 -12.64 0.26 -22.13
C ILE A 99 -12.53 -1.23 -21.85
N ARG A 100 -13.65 -1.96 -21.99
CA ARG A 100 -13.62 -3.39 -21.75
C ARG A 100 -12.61 -4.10 -22.65
N GLU A 101 -12.59 -3.74 -23.94
CA GLU A 101 -11.65 -4.37 -24.87
C GLU A 101 -10.22 -4.06 -24.50
N LEU A 102 -9.97 -2.84 -24.01
CA LEU A 102 -8.63 -2.46 -23.55
C LEU A 102 -8.21 -3.24 -22.31
N VAL A 103 -9.11 -3.40 -21.34
CA VAL A 103 -8.79 -4.15 -20.14
C VAL A 103 -8.47 -5.60 -20.49
N LYS A 104 -9.24 -6.18 -21.43
CA LYS A 104 -8.96 -7.54 -21.89
C LYS A 104 -7.54 -7.66 -22.43
N GLN A 105 -7.08 -6.65 -23.16
CA GLN A 105 -5.71 -6.70 -23.67
C GLN A 105 -4.69 -6.51 -22.57
N ASP A 106 -5.00 -5.69 -21.54
CA ASP A 106 -4.11 -5.64 -20.37
C ASP A 106 -4.00 -7.02 -19.72
N ILE A 107 -5.12 -7.75 -19.63
CA ILE A 107 -5.10 -9.09 -19.07
C ILE A 107 -4.23 -10.02 -19.91
N ILE A 108 -4.38 -9.95 -21.22
CA ILE A 108 -3.52 -10.74 -22.12
C ILE A 108 -2.06 -10.39 -21.87
N ALA A 109 -1.75 -9.09 -21.77
CA ALA A 109 -0.37 -8.64 -21.55
C ALA A 109 0.16 -9.19 -20.23
N ALA A 110 -0.70 -9.23 -19.20
CA ALA A 110 -0.28 -9.79 -17.91
C ALA A 110 0.04 -11.27 -18.05
N TYR A 111 -0.79 -11.99 -18.79
CA TYR A 111 -0.58 -13.45 -18.95
C TYR A 111 0.73 -13.76 -19.70
N THR A 112 1.02 -13.03 -20.77
CA THR A 112 2.25 -13.31 -21.53
C THR A 112 3.47 -12.80 -20.77
N GLY A 113 3.35 -11.69 -20.05
CA GLY A 113 4.44 -11.04 -19.38
C GLY A 113 4.82 -11.61 -18.02
N ASP A 114 4.09 -12.59 -17.48
CA ASP A 114 4.35 -13.06 -16.12
C ASP A 114 4.38 -14.58 -16.07
N PRO A 115 5.55 -15.19 -15.85
CA PRO A 115 5.61 -16.65 -15.69
C PRO A 115 4.75 -17.17 -14.54
N ALA A 116 4.43 -16.35 -13.53
CA ALA A 116 3.59 -16.79 -12.41
C ALA A 116 2.10 -16.70 -12.70
N ALA A 117 1.68 -16.00 -13.75
CA ALA A 117 0.27 -15.92 -14.12
C ALA A 117 -0.11 -17.20 -14.87
N SER A 118 -0.90 -18.05 -14.23
CA SER A 118 -1.22 -19.35 -14.79
C SER A 118 -2.61 -19.41 -15.45
N SER A 119 -3.48 -18.43 -15.22
CA SER A 119 -4.82 -18.46 -15.80
C SER A 119 -5.35 -17.03 -15.87
N LEU A 120 -6.31 -16.82 -16.77
CA LEU A 120 -6.95 -15.51 -16.86
C LEU A 120 -7.79 -15.23 -15.62
N ALA A 121 -8.41 -16.27 -15.06
CA ALA A 121 -9.19 -16.09 -13.83
C ALA A 121 -8.34 -15.47 -12.72
N MET A 122 -7.17 -16.06 -12.48
CA MET A 122 -6.27 -15.53 -11.47
C MET A 122 -5.95 -14.07 -11.75
N ILE A 123 -5.62 -13.76 -12.99
CA ILE A 123 -5.29 -12.39 -13.38
C ILE A 123 -6.48 -11.47 -13.15
N ILE A 124 -7.66 -11.91 -13.58
CA ILE A 124 -8.82 -11.03 -13.51
C ILE A 124 -9.21 -10.78 -12.07
N ARG A 125 -9.13 -11.80 -11.23
CA ARG A 125 -9.67 -11.66 -9.89
C ARG A 125 -8.68 -11.00 -8.94
N SER A 126 -7.39 -11.14 -9.21
CA SER A 126 -6.39 -10.87 -8.19
C SER A 126 -5.24 -9.96 -8.59
N TYR A 127 -5.01 -9.66 -9.86
CA TYR A 127 -3.81 -8.88 -10.20
C TYR A 127 -4.04 -7.40 -9.95
N PRO A 128 -3.30 -6.77 -9.02
CA PRO A 128 -3.53 -5.34 -8.76
C PRO A 128 -3.25 -4.44 -9.95
N GLY A 129 -2.34 -4.85 -10.85
CA GLY A 129 -2.06 -4.04 -12.01
C GLY A 129 -3.21 -3.99 -12.99
N ILE A 130 -4.02 -5.06 -13.03
CA ILE A 130 -5.24 -5.08 -13.83
C ILE A 130 -6.30 -4.22 -13.16
N HIS A 131 -6.45 -4.34 -11.84
CA HIS A 131 -7.49 -3.57 -11.17
C HIS A 131 -7.22 -2.09 -11.28
N VAL A 132 -5.96 -1.69 -11.21
CA VAL A 132 -5.69 -0.25 -11.30
C VAL A 132 -6.03 0.28 -12.69
N MET A 133 -5.87 -0.55 -13.72
CA MET A 133 -6.17 -0.11 -15.09
C MET A 133 -7.67 -0.11 -15.37
N MET A 134 -8.43 -1.04 -14.80
CA MET A 134 -9.88 -0.91 -14.81
C MET A 134 -10.31 0.47 -14.31
N ILE A 135 -9.77 0.90 -13.18
CA ILE A 135 -10.11 2.22 -12.66
C ILE A 135 -9.54 3.33 -13.52
N GLN A 136 -8.27 3.20 -13.95
CA GLN A 136 -7.60 4.30 -14.64
C GLN A 136 -8.26 4.62 -15.97
N ARG A 137 -8.62 3.59 -16.73
CA ARG A 137 -9.25 3.82 -18.02
C ARG A 137 -10.62 4.47 -17.88
N VAL A 138 -11.34 4.16 -16.78
CA VAL A 138 -12.57 4.89 -16.49
C VAL A 138 -12.25 6.33 -16.11
N ALA A 139 -11.35 6.52 -15.14
CA ALA A 139 -11.05 7.85 -14.62
C ALA A 139 -10.55 8.77 -15.72
N HIS A 140 -9.76 8.22 -16.65
CA HIS A 140 -9.12 9.05 -17.68
C HIS A 140 -10.16 9.68 -18.61
N ILE A 141 -11.25 8.96 -18.89
CA ILE A 141 -12.31 9.55 -19.70
C ILE A 141 -12.99 10.68 -18.93
N LEU A 142 -13.17 10.50 -17.62
CA LEU A 142 -13.75 11.56 -16.82
C LEU A 142 -12.84 12.79 -16.85
N TYR A 143 -11.54 12.57 -16.66
CA TYR A 143 -10.60 13.68 -16.61
C TYR A 143 -10.56 14.43 -17.95
N MET A 144 -10.52 13.69 -19.06
CA MET A 144 -10.44 14.31 -20.38
C MET A 144 -11.69 15.10 -20.73
N ASN A 145 -12.83 14.80 -20.13
CA ASN A 145 -14.03 15.59 -20.37
C ASN A 145 -14.26 16.64 -19.30
N GLY A 146 -13.28 16.91 -18.46
CA GLY A 146 -13.24 18.13 -17.68
C GLY A 146 -13.32 17.96 -16.18
N ASP A 147 -13.54 16.75 -15.66
CA ASP A 147 -13.65 16.54 -14.22
C ASP A 147 -12.28 16.15 -13.68
N ILE A 148 -11.54 17.13 -13.17
CA ILE A 148 -10.22 16.80 -12.66
C ILE A 148 -10.27 16.40 -11.18
N GLU A 149 -11.32 16.79 -10.46
CA GLU A 149 -11.36 16.54 -9.02
C GLU A 149 -11.80 15.12 -8.71
N TYR A 150 -12.95 14.69 -9.24
CA TYR A 150 -13.44 13.37 -8.86
C TYR A 150 -12.60 12.26 -9.49
N SER A 151 -12.13 12.45 -10.74
CA SER A 151 -11.26 11.46 -11.34
C SER A 151 -9.99 11.23 -10.50
N ARG A 152 -9.52 12.27 -9.81
CA ARG A 152 -8.34 12.12 -8.93
C ARG A 152 -8.70 11.37 -7.66
N GLU A 153 -9.81 11.78 -7.02
CA GLU A 153 -10.33 11.03 -5.88
C GLU A 153 -10.50 9.56 -6.21
N LEU A 154 -11.09 9.27 -7.37
CA LEU A 154 -11.23 7.89 -7.81
C LEU A 154 -9.88 7.18 -7.90
N MET A 155 -8.88 7.82 -8.54
CA MET A 155 -7.56 7.20 -8.59
C MET A 155 -6.94 7.04 -7.21
N GLU A 156 -7.20 7.98 -6.28
CA GLU A 156 -6.62 7.82 -4.95
C GLU A 156 -7.28 6.66 -4.20
N ASN A 157 -8.55 6.38 -4.47
CA ASN A 157 -9.20 5.21 -3.88
C ASN A 157 -8.46 3.93 -4.27
N ILE A 158 -8.18 3.76 -5.56
CA ILE A 158 -7.54 2.53 -6.01
C ILE A 158 -6.06 2.51 -5.58
N HIS A 159 -5.43 3.69 -5.51
CA HIS A 159 -4.12 3.88 -4.86
C HIS A 159 -4.11 3.28 -3.45
N SER A 160 -5.12 3.64 -2.65
CA SER A 160 -5.13 3.19 -1.26
C SER A 160 -5.22 1.67 -1.16
N VAL A 161 -5.84 1.01 -2.14
CA VAL A 161 -5.99 -0.44 -2.09
C VAL A 161 -4.84 -1.20 -2.78
N THR A 162 -4.17 -0.61 -3.77
CA THR A 162 -3.11 -1.32 -4.48
C THR A 162 -1.71 -0.80 -4.18
N GLY A 163 -1.59 0.37 -3.58
CA GLY A 163 -0.30 1.01 -3.55
C GLY A 163 0.23 1.48 -4.89
N ILE A 164 -0.58 1.40 -5.96
CA ILE A 164 -0.20 1.90 -7.28
C ILE A 164 -0.81 3.26 -7.50
N ASP A 165 0.01 4.23 -7.89
CA ASP A 165 -0.38 5.63 -7.96
C ASP A 165 -0.29 6.08 -9.42
N ILE A 166 -1.44 6.14 -10.09
CA ILE A 166 -1.50 6.59 -11.48
C ILE A 166 -2.46 7.77 -11.59
N HIS A 167 -1.98 8.85 -12.19
CA HIS A 167 -2.82 10.03 -12.30
C HIS A 167 -3.93 9.80 -13.32
N PRO A 168 -5.13 10.37 -13.09
CA PRO A 168 -6.20 10.22 -14.10
C PRO A 168 -5.85 10.83 -15.44
N GLY A 169 -4.97 11.83 -15.48
CA GLY A 169 -4.57 12.42 -16.75
C GLY A 169 -3.60 11.57 -17.57
N THR A 170 -2.95 10.59 -16.95
CA THR A 170 -1.99 9.76 -17.69
C THR A 170 -2.63 9.14 -18.93
N SER A 171 -1.91 9.21 -20.06
CA SER A 171 -2.32 8.59 -21.31
C SER A 171 -1.58 7.27 -21.50
N ILE A 172 -2.33 6.17 -21.62
CA ILE A 172 -1.76 4.84 -21.61
C ILE A 172 -2.32 4.03 -22.78
N GLY A 173 -1.42 3.46 -23.58
CA GLY A 173 -1.83 2.63 -24.70
C GLY A 173 -2.23 1.23 -24.27
N ASN A 174 -2.33 0.35 -25.26
CA ASN A 174 -2.93 -0.95 -25.01
C ASN A 174 -1.88 -1.98 -24.59
N HIS A 175 -2.38 -3.08 -24.05
CA HIS A 175 -1.55 -4.20 -23.58
C HIS A 175 -0.54 -3.74 -22.52
N PHE A 176 -0.99 -2.90 -21.59
CA PHE A 176 -0.12 -2.36 -20.56
C PHE A 176 -0.13 -3.28 -19.35
N PHE A 177 1.05 -3.69 -18.88
CA PHE A 177 1.16 -4.61 -17.74
C PHE A 177 2.02 -4.00 -16.63
N ILE A 178 1.43 -3.85 -15.46
CA ILE A 178 2.15 -3.54 -14.23
C ILE A 178 2.21 -4.83 -13.40
N ASP A 179 3.42 -5.34 -13.16
CA ASP A 179 3.63 -6.51 -12.31
C ASP A 179 3.98 -6.03 -10.91
N HIS A 180 3.29 -6.60 -9.91
CA HIS A 180 3.48 -6.28 -8.49
C HIS A 180 2.98 -4.88 -8.18
N GLY A 181 3.70 -3.84 -8.62
CA GLY A 181 3.13 -2.52 -8.73
C GLY A 181 3.23 -1.60 -7.52
N VAL A 182 3.43 -2.13 -6.29
CA VAL A 182 3.48 -1.25 -5.12
C VAL A 182 4.63 -0.27 -5.31
N GLY A 183 4.36 1.01 -5.04
CA GLY A 183 5.35 2.05 -5.24
C GLY A 183 5.36 2.68 -6.61
N VAL A 184 4.65 2.10 -7.58
CA VAL A 184 4.58 2.70 -8.92
C VAL A 184 3.91 4.06 -8.81
N VAL A 185 4.50 5.06 -9.45
CA VAL A 185 3.96 6.42 -9.50
C VAL A 185 4.10 6.93 -10.92
N ILE A 186 2.98 7.32 -11.52
CA ILE A 186 2.93 7.76 -12.91
C ILE A 186 2.14 9.06 -12.97
N GLY A 187 2.79 10.14 -13.44
CA GLY A 187 2.25 11.48 -13.27
C GLY A 187 1.24 11.90 -14.32
N GLU A 188 0.68 13.09 -14.06
CA GLU A 188 -0.48 13.59 -14.82
C GLU A 188 -0.22 13.66 -16.31
N THR A 189 0.97 14.08 -16.73
CA THR A 189 1.21 14.36 -18.14
C THR A 189 2.04 13.28 -18.82
N ALA A 190 2.27 12.15 -18.14
CA ALA A 190 3.03 11.07 -18.74
C ALA A 190 2.22 10.38 -19.82
N VAL A 191 2.94 9.82 -20.79
CA VAL A 191 2.36 9.11 -21.93
C VAL A 191 3.10 7.77 -22.06
N ILE A 192 2.33 6.70 -22.20
CA ILE A 192 2.86 5.34 -22.26
C ILE A 192 2.32 4.71 -23.52
N GLY A 193 3.21 4.10 -24.32
CA GLY A 193 2.82 3.43 -25.55
C GLY A 193 2.21 2.05 -25.32
N ASN A 194 2.34 1.18 -26.33
CA ASN A 194 1.73 -0.14 -26.32
C ASN A 194 2.73 -1.20 -25.87
N TRP A 195 2.20 -2.26 -25.26
CA TRP A 195 2.99 -3.42 -24.82
C TRP A 195 4.09 -3.01 -23.85
N CYS A 196 3.84 -2.04 -22.98
CA CYS A 196 4.82 -1.70 -21.96
C CYS A 196 4.61 -2.56 -20.72
N ARG A 197 5.72 -2.76 -19.99
CA ARG A 197 5.73 -3.54 -18.75
C ARG A 197 6.52 -2.76 -17.71
N VAL A 198 5.90 -2.55 -16.57
CA VAL A 198 6.45 -1.73 -15.49
C VAL A 198 6.36 -2.52 -14.19
N TYR A 199 7.41 -2.49 -13.38
CA TYR A 199 7.54 -3.27 -12.17
C TYR A 199 7.35 -2.39 -10.92
N GLN A 200 7.43 -3.02 -9.76
CA GLN A 200 7.27 -2.31 -8.49
C GLN A 200 8.27 -1.16 -8.35
N SER A 201 7.86 -0.13 -7.61
CA SER A 201 8.72 0.98 -7.19
C SER A 201 9.21 1.83 -8.36
N VAL A 202 8.52 1.79 -9.49
CA VAL A 202 8.92 2.56 -10.66
C VAL A 202 8.20 3.91 -10.62
N THR A 203 8.96 4.98 -10.81
CA THR A 203 8.41 6.32 -10.96
C THR A 203 8.57 6.79 -12.40
N LEU A 204 7.47 7.25 -12.99
CA LEU A 204 7.50 8.06 -14.20
C LEU A 204 7.00 9.42 -13.75
N GLY A 205 7.92 10.21 -13.18
CA GLY A 205 7.52 11.37 -12.42
C GLY A 205 8.13 12.65 -12.91
N ALA A 206 7.97 13.72 -12.14
CA ALA A 206 8.56 15.02 -12.53
C ALA A 206 9.96 15.13 -11.92
N MET A 207 10.73 16.11 -12.37
CA MET A 207 12.07 16.34 -11.78
C MET A 207 11.83 16.70 -10.31
N SER A 208 12.55 16.02 -9.41
CA SER A 208 12.42 16.21 -7.94
C SER A 208 12.38 17.69 -7.59
N PHE A 209 13.22 18.48 -8.25
CA PHE A 209 13.28 19.95 -8.05
C PHE A 209 13.94 20.59 -9.28
N LYS A 218 -2.16 25.63 -19.03
N LYS A 218 -2.18 25.66 -19.03
CA LYS A 218 -0.67 25.69 -19.15
CA LYS A 218 -0.70 25.68 -19.14
C LYS A 218 -0.22 24.78 -20.30
C LYS A 218 -0.27 24.80 -20.32
N GLY A 219 -0.64 23.51 -20.29
CA GLY A 219 -0.30 22.56 -21.36
C GLY A 219 1.13 22.04 -21.24
N ASN A 220 1.72 22.14 -20.06
CA ASN A 220 3.11 21.68 -19.82
C ASN A 220 3.24 20.16 -19.94
N LYS A 221 4.44 19.71 -20.29
CA LYS A 221 4.72 18.26 -20.22
C LYS A 221 5.88 18.15 -19.24
N ARG A 222 5.61 17.64 -18.04
CA ARG A 222 6.63 17.59 -17.01
C ARG A 222 6.95 16.16 -16.56
N HIS A 223 6.32 15.17 -17.16
CA HIS A 223 6.48 13.76 -16.87
C HIS A 223 6.91 13.07 -18.14
N PRO A 224 7.42 11.85 -18.07
CA PRO A 224 7.99 11.22 -19.27
C PRO A 224 6.93 10.70 -20.24
N THR A 225 7.37 10.64 -21.49
CA THR A 225 6.71 9.91 -22.58
C THR A 225 7.52 8.66 -22.89
N ILE A 226 6.85 7.52 -22.93
N ILE A 226 6.88 7.49 -22.88
CA ILE A 226 7.48 6.22 -23.16
CA ILE A 226 7.61 6.28 -23.23
C ILE A 226 6.88 5.61 -24.43
C ILE A 226 6.92 5.62 -24.41
N GLY A 227 7.72 4.99 -25.26
CA GLY A 227 7.24 4.39 -26.50
C GLY A 227 6.63 3.02 -26.29
N ASP A 228 6.59 2.23 -27.36
CA ASP A 228 6.07 0.88 -27.31
C ASP A 228 7.15 -0.11 -26.88
N PHE A 229 6.71 -1.23 -26.31
CA PHE A 229 7.58 -2.35 -25.94
C PHE A 229 8.67 -1.94 -24.95
N VAL A 230 8.41 -0.92 -24.12
CA VAL A 230 9.38 -0.50 -23.11
C VAL A 230 9.18 -1.34 -21.86
N VAL A 231 10.28 -1.82 -21.26
CA VAL A 231 10.26 -2.53 -19.98
C VAL A 231 11.05 -1.70 -18.96
N ILE A 232 10.44 -1.44 -17.81
CA ILE A 232 11.09 -0.65 -16.76
C ILE A 232 11.19 -1.49 -15.49
N GLY A 233 12.43 -1.84 -15.11
CA GLY A 233 12.67 -2.73 -14.00
C GLY A 233 12.50 -2.06 -12.64
N ALA A 234 12.40 -2.91 -11.61
CA ALA A 234 12.02 -2.48 -10.27
C ALA A 234 12.86 -1.31 -9.78
N GLY A 235 12.20 -0.33 -9.17
CA GLY A 235 12.91 0.77 -8.56
C GLY A 235 13.47 1.82 -9.49
N ALA A 236 13.31 1.67 -10.81
CA ALA A 236 13.82 2.71 -11.71
C ALA A 236 13.04 4.00 -11.53
N LYS A 237 13.75 5.12 -11.54
CA LYS A 237 13.18 6.46 -11.41
C LYS A 237 13.38 7.20 -12.72
N VAL A 238 12.30 7.41 -13.47
CA VAL A 238 12.34 8.06 -14.77
C VAL A 238 11.69 9.43 -14.63
N LEU A 239 12.48 10.49 -14.69
CA LEU A 239 12.05 11.79 -14.20
C LEU A 239 12.18 12.89 -15.26
N GLY A 240 11.14 13.72 -15.35
CA GLY A 240 11.16 14.92 -16.15
C GLY A 240 10.43 14.74 -17.47
N ASN A 241 10.41 15.83 -18.23
CA ASN A 241 9.85 15.83 -19.58
C ASN A 241 10.89 15.29 -20.57
N ILE A 242 11.08 13.99 -20.51
CA ILE A 242 12.01 13.29 -21.37
C ILE A 242 11.23 12.23 -22.11
N THR A 243 11.84 11.71 -23.16
CA THR A 243 11.23 10.70 -24.01
C THR A 243 12.09 9.44 -23.98
N ILE A 244 11.43 8.30 -23.81
CA ILE A 244 12.08 6.99 -23.85
C ILE A 244 11.57 6.31 -25.11
N GLY A 245 12.49 6.01 -26.03
CA GLY A 245 12.09 5.40 -27.29
C GLY A 245 11.47 4.02 -27.10
N SER A 246 10.94 3.50 -28.20
CA SER A 246 10.40 2.15 -28.23
C SER A 246 11.51 1.12 -28.09
N ASN A 247 11.13 -0.06 -27.58
N ASN A 247 11.13 -0.05 -27.57
CA ASN A 247 12.03 -1.21 -27.45
CA ASN A 247 12.04 -1.18 -27.44
C ASN A 247 13.21 -0.93 -26.50
C ASN A 247 13.24 -0.84 -26.57
N VAL A 248 12.99 -0.12 -25.47
CA VAL A 248 14.01 0.19 -24.48
C VAL A 248 13.73 -0.66 -23.24
N LYS A 249 14.78 -1.26 -22.70
CA LYS A 249 14.72 -1.99 -21.43
C LYS A 249 15.54 -1.22 -20.40
N ILE A 250 14.92 -0.83 -19.30
CA ILE A 250 15.60 -0.08 -18.24
C ILE A 250 15.80 -1.00 -17.04
N GLY A 251 17.06 -1.16 -16.63
CA GLY A 251 17.38 -2.04 -15.54
C GLY A 251 16.93 -1.47 -14.20
N ALA A 252 16.89 -2.35 -13.21
CA ALA A 252 16.42 -1.99 -11.88
C ALA A 252 17.24 -0.85 -11.27
N ASN A 253 16.57 0.01 -10.52
CA ASN A 253 17.16 1.08 -9.72
C ASN A 253 17.83 2.17 -10.55
N CYS A 254 17.69 2.15 -11.87
CA CYS A 254 18.23 3.22 -12.70
C CYS A 254 17.63 4.58 -12.35
N TRP A 255 18.43 5.62 -12.54
CA TRP A 255 17.98 7.00 -12.40
C TRP A 255 18.14 7.65 -13.77
N ILE A 256 17.02 7.85 -14.47
CA ILE A 256 16.99 8.38 -15.84
C ILE A 256 16.47 9.81 -15.80
N THR A 257 17.25 10.74 -16.36
CA THR A 257 16.86 12.13 -16.41
C THR A 257 17.09 12.74 -17.79
N GLN A 258 17.43 11.92 -18.78
CA GLN A 258 17.67 12.34 -20.14
C GLN A 258 16.89 11.47 -21.11
N ASN A 259 16.64 12.01 -22.30
CA ASN A 259 16.05 11.23 -23.38
C ASN A 259 16.86 9.97 -23.62
N ILE A 260 16.18 8.93 -24.10
CA ILE A 260 16.81 7.66 -24.44
C ILE A 260 16.28 7.23 -25.80
N ASP A 261 17.17 7.07 -26.76
CA ASP A 261 16.80 6.64 -28.10
C ASP A 261 16.25 5.22 -28.08
N GLN A 262 15.61 4.83 -29.18
CA GLN A 262 15.04 3.49 -29.29
C GLN A 262 16.13 2.42 -29.25
N ASP A 263 15.70 1.18 -28.99
CA ASP A 263 16.54 -0.02 -29.08
C ASP A 263 17.72 0.00 -28.11
N GLN A 264 17.59 0.69 -26.98
CA GLN A 264 18.62 0.77 -25.95
C GLN A 264 18.32 -0.13 -24.76
N ILE A 265 19.35 -0.77 -24.24
CA ILE A 265 19.34 -1.37 -22.91
C ILE A 265 20.08 -0.44 -21.97
N VAL A 266 19.43 -0.01 -20.90
CA VAL A 266 20.02 0.96 -19.92
C VAL A 266 20.16 0.28 -18.57
N PHE A 267 21.30 0.48 -17.93
CA PHE A 267 21.58 -0.18 -16.62
C PHE A 267 22.59 0.63 -15.82
N ILE A 268 22.60 0.42 -14.50
CA ILE A 268 23.58 1.07 -13.60
C ILE A 268 24.99 0.64 -14.04
N SER A 269 25.94 1.57 -14.03
CA SER A 269 27.25 1.31 -14.61
C SER A 269 28.06 0.28 -13.84
N GLU A 270 27.85 0.17 -12.54
CA GLU A 270 28.80 -0.49 -11.65
C GLU A 270 28.05 -1.38 -10.65
N HIS A 271 28.57 -2.59 -10.44
CA HIS A 271 28.07 -3.42 -9.35
C HIS A 271 28.43 -2.78 -8.01
N PRO A 272 27.66 -3.07 -6.96
CA PRO A 272 28.07 -2.64 -5.62
C PRO A 272 29.39 -3.29 -5.24
N SER A 273 30.08 -2.64 -4.33
CA SER A 273 31.32 -3.20 -3.83
C SER A 273 31.04 -4.12 -2.64
N GLN A 274 32.06 -4.86 -2.25
CA GLN A 274 31.90 -6.13 -1.55
C GLN A 274 33.13 -6.37 -0.69
N ILE A 275 32.97 -6.46 0.62
CA ILE A 275 34.08 -6.71 1.54
C ILE A 275 33.72 -7.89 2.43
N THR A 276 34.74 -8.68 2.78
CA THR A 276 34.55 -9.80 3.71
C THR A 276 34.48 -9.29 5.15
N LYS A 277 33.78 -10.06 5.98
CA LYS A 277 33.60 -9.86 7.44
C LYS A 277 32.47 -8.87 7.69
N GLU A 304 18.08 -20.28 21.72
CA GLU A 304 18.06 -18.83 21.39
C GLU A 304 16.73 -18.23 21.89
N ASN A 305 15.61 -18.81 21.48
CA ASN A 305 14.28 -18.29 21.88
C ASN A 305 14.15 -18.28 23.40
N LEU A 306 14.69 -19.29 24.08
CA LEU A 306 14.59 -19.34 25.55
C LEU A 306 15.20 -18.06 26.14
N SER A 307 16.47 -17.80 25.87
CA SER A 307 17.14 -16.57 26.37
C SER A 307 16.32 -15.35 25.92
N TRP A 308 15.98 -15.28 24.64
CA TRP A 308 15.17 -14.16 24.11
C TRP A 308 13.86 -14.05 24.88
N VAL A 309 13.16 -15.15 25.16
CA VAL A 309 11.85 -15.11 25.86
C VAL A 309 12.03 -14.71 27.34
N ASN A 310 13.21 -14.91 27.92
CA ASN A 310 13.49 -14.47 29.31
C ASN A 310 13.29 -12.95 29.42
N SER A 311 13.72 -12.17 28.42
CA SER A 311 13.64 -10.68 28.39
C SER A 311 12.23 -10.07 28.50
N PRO A 312 11.22 -10.36 27.64
CA PRO A 312 9.92 -9.72 27.72
C PRO A 312 9.11 -10.34 28.85
N GLU A 313 9.45 -11.58 29.23
CA GLU A 313 8.79 -12.21 30.39
C GLU A 313 9.07 -11.27 31.56
N LEU A 314 10.35 -10.98 31.79
CA LEU A 314 10.74 -10.07 32.88
C LEU A 314 10.70 -8.63 32.38
N MET B 1 -13.87 -32.56 7.00
N MET B 1 -13.90 -32.37 6.93
CA MET B 1 -14.35 -33.55 7.97
CA MET B 1 -14.45 -33.34 7.87
C MET B 1 -14.46 -32.93 9.36
C MET B 1 -14.56 -32.74 9.27
N SER B 2 -15.65 -33.06 9.95
CA SER B 2 -15.87 -32.54 11.30
C SER B 2 -14.86 -33.12 12.29
N SER B 3 -14.46 -34.38 12.11
CA SER B 3 -13.48 -34.96 13.02
C SER B 3 -12.14 -34.24 12.95
N LEU B 4 -11.74 -33.80 11.75
CA LEU B 4 -10.44 -33.13 11.65
C LEU B 4 -10.49 -31.74 12.28
N LEU B 5 -11.59 -31.00 12.05
CA LEU B 5 -11.77 -29.70 12.69
C LEU B 5 -11.68 -29.81 14.21
N GLN B 6 -12.26 -30.87 14.77
CA GLN B 6 -12.30 -31.02 16.22
C GLN B 6 -10.94 -31.41 16.76
N GLN B 7 -10.30 -32.39 16.10
CA GLN B 7 -8.95 -32.78 16.48
C GLN B 7 -8.00 -31.59 16.40
N THR B 8 -8.07 -30.81 15.32
CA THR B 8 -7.14 -29.69 15.18
C THR B 8 -7.41 -28.61 16.21
N SER B 9 -8.69 -28.38 16.55
CA SER B 9 -9.03 -27.37 17.56
C SER B 9 -8.49 -27.76 18.93
N GLN B 10 -8.51 -29.06 19.25
CA GLN B 10 -7.94 -29.47 20.53
C GLN B 10 -6.43 -29.33 20.53
N LEU B 11 -5.79 -29.72 19.43
CA LEU B 11 -4.36 -29.48 19.28
C LEU B 11 -4.02 -28.01 19.47
N LEU B 12 -4.83 -27.11 18.90
CA LEU B 12 -4.60 -25.69 19.04
C LEU B 12 -4.71 -25.26 20.50
N VAL B 13 -5.75 -25.73 21.20
CA VAL B 13 -5.92 -25.38 22.61
C VAL B 13 -4.72 -25.83 23.43
N GLN B 14 -4.21 -27.04 23.14
CA GLN B 14 -2.97 -27.49 23.77
C GLN B 14 -1.82 -26.55 23.47
N SER B 15 -1.74 -26.03 22.24
CA SER B 15 -0.69 -25.08 21.88
C SER B 15 -0.80 -23.82 22.70
N TYR B 16 -2.03 -23.31 22.92
CA TYR B 16 -2.18 -22.11 23.74
C TYR B 16 -1.62 -22.33 25.14
N GLN B 17 -1.87 -23.51 25.71
CA GLN B 17 -1.52 -23.75 27.11
C GLN B 17 -0.01 -23.82 27.29
N SER B 18 0.69 -24.46 26.36
CA SER B 18 2.15 -24.52 26.44
C SER B 18 2.84 -23.25 25.95
N ASP B 19 2.09 -22.18 25.67
CA ASP B 19 2.72 -20.92 25.30
C ASP B 19 3.52 -20.35 26.47
N ASN B 20 4.62 -19.68 26.13
CA ASN B 20 5.26 -18.78 27.07
C ASN B 20 4.28 -17.68 27.49
N ILE B 21 4.45 -17.15 28.71
CA ILE B 21 3.51 -16.13 29.18
C ILE B 21 3.60 -14.88 28.32
N ALA B 22 4.77 -14.64 27.71
CA ALA B 22 4.92 -13.47 26.85
C ALA B 22 3.88 -13.46 25.74
N PHE B 23 3.43 -14.64 25.31
CA PHE B 23 2.40 -14.74 24.28
C PHE B 23 0.98 -14.73 24.86
N LYS B 24 0.82 -14.44 26.14
CA LYS B 24 -0.49 -14.43 26.77
C LYS B 24 -0.86 -13.01 27.19
N SER B 25 -2.15 -12.84 27.52
CA SER B 25 -2.62 -11.55 27.98
C SER B 25 -4.02 -11.73 28.58
N THR B 26 -4.23 -11.07 29.71
CA THR B 26 -5.56 -11.01 30.32
C THR B 26 -6.35 -9.83 29.82
N LYS B 27 -5.74 -8.95 29.04
CA LYS B 27 -6.44 -7.76 28.60
C LYS B 27 -7.38 -8.08 27.44
N GLN B 28 -8.24 -7.13 27.15
CA GLN B 28 -9.20 -7.22 26.06
C GLN B 28 -8.89 -6.06 25.13
N PHE B 29 -8.22 -6.36 24.03
CA PHE B 29 -7.85 -5.31 23.09
C PHE B 29 -9.01 -5.02 22.16
N PRO B 30 -9.04 -3.82 21.57
CA PRO B 30 -10.10 -3.52 20.62
C PRO B 30 -10.02 -4.38 19.36
N GLU B 31 -11.20 -4.77 18.87
CA GLU B 31 -11.48 -5.26 17.54
C GLU B 31 -10.51 -4.74 16.47
N LYS B 32 -9.97 -5.64 15.64
CA LYS B 32 -9.25 -5.26 14.42
C LYS B 32 -9.99 -5.83 13.23
N LYS B 33 -10.46 -4.96 12.35
CA LYS B 33 -11.04 -5.38 11.09
C LYS B 33 -9.97 -5.34 10.00
N SER B 34 -10.03 -6.31 9.08
CA SER B 34 -9.16 -6.33 7.91
C SER B 34 -9.90 -7.01 6.76
N PHE B 35 -9.62 -8.29 6.53
CA PHE B 35 -10.46 -9.11 5.66
C PHE B 35 -10.61 -10.48 6.32
N LEU B 36 -11.55 -11.28 5.80
CA LEU B 36 -12.04 -12.46 6.52
C LEU B 36 -10.89 -13.38 6.96
N GLU B 37 -10.06 -13.84 6.01
CA GLU B 37 -9.06 -14.84 6.36
C GLU B 37 -8.08 -14.31 7.42
N LEU B 38 -7.71 -13.03 7.35
CA LEU B 38 -6.75 -12.51 8.31
C LEU B 38 -7.39 -12.37 9.68
N GLU B 39 -8.59 -11.80 9.76
CA GLU B 39 -9.29 -11.68 11.04
C GLU B 39 -9.41 -13.03 11.72
N LEU B 40 -9.80 -14.05 10.96
CA LEU B 40 -9.96 -15.39 11.53
C LEU B 40 -8.61 -15.99 11.94
N ILE B 41 -7.59 -15.89 11.06
CA ILE B 41 -6.31 -16.50 11.38
C ILE B 41 -5.68 -15.80 12.59
N GLN B 42 -5.85 -14.48 12.69
CA GLN B 42 -5.36 -13.77 13.86
C GLN B 42 -6.00 -14.31 15.14
N LYS B 43 -7.34 -14.41 15.13
CA LYS B 43 -8.07 -14.96 16.27
C LYS B 43 -7.64 -16.39 16.57
N ILE B 44 -7.49 -17.21 15.53
CA ILE B 44 -7.14 -18.61 15.75
C ILE B 44 -5.75 -18.73 16.37
N LEU B 45 -4.77 -17.98 15.85
CA LEU B 45 -3.39 -18.14 16.30
C LEU B 45 -3.14 -17.49 17.66
N PHE B 46 -3.73 -16.31 17.92
CA PHE B 46 -3.44 -15.55 19.15
C PHE B 46 -4.72 -14.93 19.70
N PRO B 47 -5.65 -15.76 20.18
CA PRO B 47 -6.94 -15.22 20.64
C PRO B 47 -6.82 -14.16 21.73
N ASP B 48 -5.84 -14.26 22.61
CA ASP B 48 -5.72 -13.28 23.69
C ASP B 48 -5.65 -11.85 23.17
N PHE B 49 -5.07 -11.64 21.98
CA PHE B 49 -4.82 -10.30 21.46
C PHE B 49 -5.88 -9.81 20.49
N PHE B 50 -6.81 -10.66 20.07
CA PHE B 50 -7.75 -10.29 19.02
C PHE B 50 -9.21 -10.61 19.36
N THR B 51 -9.50 -11.16 20.53
CA THR B 51 -10.86 -11.61 20.83
C THR B 51 -11.34 -11.02 22.15
N ARG B 52 -12.67 -10.99 22.29
CA ARG B 52 -13.32 -10.68 23.55
C ARG B 52 -12.95 -11.72 24.59
N ARG B 53 -12.88 -11.28 25.85
CA ARG B 53 -12.38 -12.13 26.91
C ARG B 53 -13.22 -13.39 27.07
N ASP B 54 -14.51 -13.31 26.78
CA ASP B 54 -15.42 -14.45 26.94
C ASP B 54 -15.45 -15.36 25.72
N LYS B 55 -14.71 -15.06 24.65
CA LYS B 55 -14.74 -15.92 23.48
C LYS B 55 -13.40 -16.61 23.23
N ARG B 56 -12.79 -17.15 24.28
CA ARG B 56 -11.47 -17.78 24.17
C ARG B 56 -11.50 -19.25 24.56
N THR B 57 -12.64 -19.90 24.41
CA THR B 57 -12.85 -21.29 24.80
C THR B 57 -12.64 -22.21 23.61
N PHE B 58 -12.69 -23.52 23.89
CA PHE B 58 -12.59 -24.51 22.82
C PHE B 58 -13.69 -24.32 21.77
N ASN B 59 -14.91 -23.99 22.21
CA ASN B 59 -15.99 -23.80 21.23
C ASN B 59 -15.74 -22.61 20.33
N ASN B 60 -15.07 -21.57 20.82
CA ASN B 60 -14.78 -20.43 19.96
C ASN B 60 -13.67 -20.78 18.96
N VAL B 61 -12.66 -21.53 19.40
CA VAL B 61 -11.65 -22.05 18.50
C VAL B 61 -12.30 -22.85 17.39
N LEU B 62 -13.17 -23.80 17.77
CA LEU B 62 -13.80 -24.68 16.80
C LEU B 62 -14.64 -23.88 15.82
N GLU B 63 -15.39 -22.90 16.32
CA GLU B 63 -16.22 -22.10 15.42
C GLU B 63 -15.35 -21.34 14.42
N ARG B 64 -14.31 -20.67 14.91
CA ARG B 64 -13.48 -19.86 14.03
C ARG B 64 -12.71 -20.74 13.03
N LEU B 65 -12.12 -21.84 13.48
CA LEU B 65 -11.44 -22.73 12.55
C LEU B 65 -12.39 -23.27 11.50
N SER B 66 -13.65 -23.54 11.90
CA SER B 66 -14.65 -24.05 10.94
C SER B 66 -15.03 -23.00 9.91
N LEU B 67 -15.26 -21.75 10.35
CA LEU B 67 -15.52 -20.67 9.40
C LEU B 67 -14.36 -20.52 8.41
N LEU B 68 -13.12 -20.55 8.91
CA LEU B 68 -11.98 -20.41 8.02
C LEU B 68 -11.98 -21.53 6.98
N VAL B 69 -12.08 -22.78 7.43
CA VAL B 69 -11.98 -23.94 6.55
C VAL B 69 -13.10 -23.94 5.51
N TYR B 70 -14.32 -23.63 5.93
CA TYR B 70 -15.43 -23.63 4.98
C TYR B 70 -15.21 -22.56 3.92
N HIS B 71 -14.73 -21.38 4.31
CA HIS B 71 -14.44 -20.36 3.31
C HIS B 71 -13.33 -20.82 2.37
N ILE B 72 -12.28 -21.42 2.91
CA ILE B 72 -11.19 -21.89 2.06
C ILE B 72 -11.69 -23.00 1.14
N GLN B 73 -12.53 -23.89 1.65
CA GLN B 73 -13.06 -24.96 0.81
C GLN B 73 -13.90 -24.40 -0.33
N ASN B 74 -14.77 -23.43 -0.05
CA ASN B 74 -15.60 -22.86 -1.10
C ASN B 74 -14.78 -22.16 -2.16
N SER B 75 -13.67 -21.53 -1.77
CA SER B 75 -12.85 -20.85 -2.77
C SER B 75 -12.07 -21.85 -3.61
N ILE B 76 -11.49 -22.87 -2.97
CA ILE B 76 -10.70 -23.87 -3.75
C ILE B 76 -11.63 -24.62 -4.71
N GLU B 77 -12.89 -24.85 -4.32
CA GLU B 77 -13.89 -25.54 -5.18
C GLU B 77 -14.20 -24.67 -6.39
N ALA B 78 -14.32 -23.37 -6.19
CA ALA B 78 -14.64 -22.42 -7.27
C ALA B 78 -13.54 -22.42 -8.33
N TYR B 79 -12.28 -22.56 -7.94
CA TYR B 79 -11.23 -22.59 -8.95
C TYR B 79 -10.97 -24.01 -9.45
N TYR B 80 -11.21 -25.01 -8.61
CA TYR B 80 -10.89 -26.40 -8.93
C TYR B 80 -12.07 -27.31 -8.68
N ASN B 81 -11.95 -28.21 -7.70
CA ASN B 81 -12.99 -29.22 -7.37
C ASN B 81 -12.93 -29.54 -5.88
N GLN B 82 -13.95 -30.26 -5.40
CA GLN B 82 -14.12 -30.69 -4.01
C GLN B 82 -12.95 -31.58 -3.58
N GLN B 83 -12.50 -32.45 -4.49
CA GLN B 83 -11.43 -33.43 -4.19
C GLN B 83 -10.14 -32.67 -3.80
N LEU B 84 -9.75 -31.69 -4.59
CA LEU B 84 -8.54 -30.92 -4.30
C LEU B 84 -8.71 -30.07 -3.04
N ALA B 85 -9.88 -29.45 -2.87
CA ALA B 85 -10.15 -28.67 -1.67
C ALA B 85 -9.89 -29.51 -0.42
N GLU B 86 -10.46 -30.71 -0.39
CA GLU B 86 -10.33 -31.59 0.77
C GLU B 86 -8.88 -31.94 1.05
N LYS B 87 -8.13 -32.26 0.00
CA LYS B 87 -6.72 -32.57 0.17
C LYS B 87 -5.97 -31.37 0.75
N CYS B 88 -6.26 -30.17 0.24
CA CYS B 88 -5.56 -28.97 0.70
C CYS B 88 -5.89 -28.65 2.15
N ILE B 89 -7.18 -28.72 2.49
CA ILE B 89 -7.62 -28.39 3.84
C ILE B 89 -7.08 -29.40 4.83
N THR B 90 -7.09 -30.68 4.46
CA THR B 90 -6.53 -31.72 5.31
C THR B 90 -5.07 -31.43 5.63
N ALA B 91 -4.27 -31.13 4.62
CA ALA B 91 -2.88 -30.76 4.85
C ALA B 91 -2.79 -29.54 5.75
N LEU B 92 -3.60 -28.51 5.46
CA LEU B 92 -3.56 -27.29 6.26
C LEU B 92 -3.88 -27.59 7.71
N LEU B 93 -4.95 -28.37 7.95
CA LEU B 93 -5.35 -28.69 9.32
C LEU B 93 -4.24 -29.42 10.06
N SER B 94 -3.60 -30.38 9.41
CA SER B 94 -2.53 -31.12 10.08
C SER B 94 -1.32 -30.25 10.37
N GLN B 95 -1.18 -29.13 9.67
CA GLN B 95 -0.02 -28.25 9.77
C GLN B 95 -0.25 -27.05 10.68
N PHE B 96 -1.45 -26.90 11.22
CA PHE B 96 -1.84 -25.61 11.80
C PHE B 96 -1.04 -25.28 13.05
N VAL B 97 -0.77 -26.26 13.91
CA VAL B 97 0.03 -25.97 15.09
C VAL B 97 1.49 -25.71 14.69
N THR B 98 2.00 -26.41 13.67
CA THR B 98 3.35 -26.12 13.18
C THR B 98 3.42 -24.68 12.66
N ILE B 99 2.41 -24.28 11.88
CA ILE B 99 2.30 -22.89 11.42
C ILE B 99 2.33 -21.93 12.60
N ARG B 100 1.59 -22.27 13.66
CA ARG B 100 1.50 -21.40 14.82
C ARG B 100 2.86 -21.25 15.48
N GLU B 101 3.62 -22.34 15.56
CA GLU B 101 4.95 -22.25 16.16
C GLU B 101 5.89 -21.44 15.28
N LEU B 102 5.74 -21.55 13.96
CA LEU B 102 6.57 -20.74 13.06
C LEU B 102 6.23 -19.27 13.20
N VAL B 103 4.94 -18.94 13.35
CA VAL B 103 4.59 -17.53 13.45
C VAL B 103 5.10 -16.94 14.76
N LYS B 104 5.11 -17.74 15.83
CA LYS B 104 5.67 -17.30 17.10
C LYS B 104 7.16 -16.93 16.97
N GLN B 105 7.90 -17.68 16.16
CA GLN B 105 9.33 -17.39 15.99
C GLN B 105 9.55 -16.15 15.12
N ASP B 106 8.71 -15.95 14.09
CA ASP B 106 8.67 -14.68 13.37
C ASP B 106 8.49 -13.51 14.34
N ILE B 107 7.55 -13.66 15.27
CA ILE B 107 7.29 -12.62 16.27
C ILE B 107 8.51 -12.41 17.16
N ILE B 108 9.17 -13.51 17.55
CA ILE B 108 10.41 -13.40 18.33
C ILE B 108 11.47 -12.66 17.51
N ALA B 109 11.56 -12.95 16.21
CA ALA B 109 12.56 -12.29 15.39
C ALA B 109 12.27 -10.79 15.25
N ALA B 110 11.00 -10.40 15.23
CA ALA B 110 10.65 -8.98 15.16
C ALA B 110 11.07 -8.25 16.44
N TYR B 111 10.79 -8.84 17.60
CA TYR B 111 11.17 -8.19 18.85
C TYR B 111 12.69 -8.06 18.96
N THR B 112 13.41 -9.11 18.54
CA THR B 112 14.87 -9.10 18.57
C THR B 112 15.45 -8.09 17.58
N GLY B 113 14.88 -8.02 16.37
CA GLY B 113 15.43 -7.24 15.29
C GLY B 113 15.01 -5.78 15.19
N ASP B 114 14.10 -5.30 16.04
CA ASP B 114 13.56 -3.94 15.90
C ASP B 114 13.63 -3.18 17.21
N PRO B 115 14.47 -2.15 17.31
CA PRO B 115 14.54 -1.36 18.56
C PRO B 115 13.23 -0.68 18.89
N ALA B 116 12.36 -0.41 17.89
CA ALA B 116 11.08 0.23 18.15
C ALA B 116 10.01 -0.76 18.61
N ALA B 117 10.27 -2.06 18.61
CA ALA B 117 9.28 -3.04 19.05
C ALA B 117 9.34 -3.16 20.56
N SER B 118 8.29 -2.69 21.24
CA SER B 118 8.28 -2.57 22.69
C SER B 118 7.69 -3.78 23.40
N SER B 119 6.80 -4.54 22.76
CA SER B 119 6.14 -5.66 23.40
C SER B 119 5.65 -6.60 22.31
N LEU B 120 5.26 -7.82 22.72
CA LEU B 120 4.73 -8.75 21.73
C LEU B 120 3.34 -8.33 21.27
N ALA B 121 2.54 -7.73 22.17
CA ALA B 121 1.20 -7.30 21.79
C ALA B 121 1.26 -6.32 20.62
N MET B 122 2.15 -5.33 20.71
CA MET B 122 2.35 -4.40 19.60
C MET B 122 2.70 -5.15 18.32
N ILE B 123 3.62 -6.10 18.40
CA ILE B 123 4.06 -6.83 17.22
C ILE B 123 2.92 -7.66 16.65
N ILE B 124 2.26 -8.42 17.52
CA ILE B 124 1.19 -9.31 17.10
C ILE B 124 0.04 -8.52 16.50
N ARG B 125 -0.36 -7.44 17.16
CA ARG B 125 -1.55 -6.72 16.74
C ARG B 125 -1.30 -5.82 15.52
N SER B 126 -0.08 -5.31 15.35
CA SER B 126 0.12 -4.23 14.38
C SER B 126 1.29 -4.38 13.42
N TYR B 127 2.21 -5.32 13.61
CA TYR B 127 3.34 -5.42 12.68
C TYR B 127 2.89 -6.07 11.38
N PRO B 128 2.95 -5.36 10.24
CA PRO B 128 2.46 -5.95 8.99
C PRO B 128 3.33 -7.08 8.48
N GLY B 129 4.65 -7.04 8.76
CA GLY B 129 5.51 -8.17 8.46
C GLY B 129 5.09 -9.45 9.15
N ILE B 130 4.46 -9.34 10.33
CA ILE B 130 3.92 -10.52 10.99
C ILE B 130 2.65 -10.99 10.31
N HIS B 131 1.75 -10.06 10.00
CA HIS B 131 0.48 -10.46 9.41
C HIS B 131 0.66 -11.07 8.04
N VAL B 132 1.63 -10.55 7.26
CA VAL B 132 1.86 -11.18 5.96
C VAL B 132 2.33 -12.60 6.15
N MET B 133 3.10 -12.87 7.22
CA MET B 133 3.61 -14.21 7.41
C MET B 133 2.56 -15.16 7.98
N MET B 134 1.62 -14.65 8.79
CA MET B 134 0.47 -15.47 9.17
C MET B 134 -0.24 -16.01 7.95
N ILE B 135 -0.42 -15.17 6.94
CA ILE B 135 -1.16 -15.60 5.79
C ILE B 135 -0.29 -16.44 4.87
N GLN B 136 1.00 -16.08 4.74
CA GLN B 136 1.85 -16.78 3.80
C GLN B 136 2.08 -18.22 4.20
N ARG B 137 2.28 -18.49 5.50
CA ARG B 137 2.58 -19.87 5.89
C ARG B 137 1.38 -20.77 5.69
N VAL B 138 0.17 -20.22 5.84
CA VAL B 138 -1.05 -20.92 5.47
C VAL B 138 -1.13 -21.10 3.95
N ALA B 139 -0.97 -20.01 3.20
CA ALA B 139 -1.08 -20.08 1.74
C ALA B 139 -0.05 -21.04 1.14
N HIS B 140 1.13 -21.13 1.76
CA HIS B 140 2.17 -22.00 1.24
C HIS B 140 1.76 -23.47 1.32
N ILE B 141 1.14 -23.87 2.43
CA ILE B 141 0.61 -25.25 2.53
C ILE B 141 -0.37 -25.52 1.40
N LEU B 142 -1.30 -24.60 1.19
CA LEU B 142 -2.27 -24.78 0.10
C LEU B 142 -1.57 -24.93 -1.25
N TYR B 143 -0.64 -24.03 -1.55
CA TYR B 143 0.10 -24.08 -2.80
C TYR B 143 0.82 -25.42 -2.97
N MET B 144 1.54 -25.86 -1.95
CA MET B 144 2.34 -27.08 -2.04
C MET B 144 1.48 -28.32 -2.26
N ASN B 145 0.19 -28.26 -1.91
CA ASN B 145 -0.71 -29.39 -2.11
C ASN B 145 -1.55 -29.24 -3.36
N GLY B 146 -1.23 -28.27 -4.23
CA GLY B 146 -1.81 -28.24 -5.55
C GLY B 146 -2.73 -27.09 -5.85
N ASP B 147 -3.12 -26.30 -4.85
CA ASP B 147 -3.94 -25.10 -5.11
C ASP B 147 -3.03 -23.89 -5.34
N ILE B 148 -2.89 -23.51 -6.60
CA ILE B 148 -2.09 -22.34 -6.91
C ILE B 148 -2.95 -21.11 -7.15
N GLU B 149 -4.25 -21.26 -7.34
CA GLU B 149 -5.08 -20.12 -7.66
C GLU B 149 -5.64 -19.43 -6.42
N TYR B 150 -6.26 -20.18 -5.51
CA TYR B 150 -6.75 -19.53 -4.30
C TYR B 150 -5.58 -19.06 -3.41
N SER B 151 -4.51 -19.84 -3.35
CA SER B 151 -3.39 -19.40 -2.52
C SER B 151 -2.82 -18.07 -3.02
N ARG B 152 -2.89 -17.83 -4.32
CA ARG B 152 -2.41 -16.56 -4.88
C ARG B 152 -3.38 -15.44 -4.54
N GLU B 153 -4.69 -15.71 -4.64
CA GLU B 153 -5.69 -14.73 -4.27
C GLU B 153 -5.56 -14.35 -2.82
N LEU B 154 -5.31 -15.35 -1.96
CA LEU B 154 -5.11 -15.10 -0.54
C LEU B 154 -3.93 -14.16 -0.32
N MET B 155 -2.79 -14.44 -0.96
CA MET B 155 -1.63 -13.56 -0.82
C MET B 155 -1.91 -12.16 -1.39
N GLU B 156 -2.66 -12.08 -2.49
CA GLU B 156 -3.02 -10.75 -3.00
C GLU B 156 -3.94 -10.00 -2.04
N ASN B 157 -4.77 -10.72 -1.27
CA ASN B 157 -5.56 -10.06 -0.24
C ASN B 157 -4.65 -9.40 0.81
N ILE B 158 -3.67 -10.14 1.33
CA ILE B 158 -2.82 -9.54 2.35
C ILE B 158 -1.86 -8.53 1.71
N HIS B 159 -1.53 -8.72 0.43
CA HIS B 159 -0.76 -7.75 -0.33
C HIS B 159 -1.47 -6.39 -0.34
N SER B 160 -2.78 -6.40 -0.61
CA SER B 160 -3.57 -5.17 -0.65
C SER B 160 -3.50 -4.40 0.66
N VAL B 161 -3.52 -5.11 1.78
CA VAL B 161 -3.61 -4.47 3.08
C VAL B 161 -2.23 -4.05 3.64
N THR B 162 -1.16 -4.75 3.27
CA THR B 162 0.14 -4.40 3.81
C THR B 162 1.10 -3.77 2.79
N GLY B 163 0.80 -3.87 1.50
CA GLY B 163 1.81 -3.49 0.53
C GLY B 163 2.99 -4.42 0.43
N ILE B 164 2.94 -5.59 1.08
CA ILE B 164 3.98 -6.61 1.01
C ILE B 164 3.50 -7.73 0.10
N ASP B 165 4.28 -8.06 -0.92
CA ASP B 165 3.89 -8.98 -1.98
C ASP B 165 4.76 -10.23 -1.89
N ILE B 166 4.22 -11.29 -1.31
CA ILE B 166 4.93 -12.55 -1.19
C ILE B 166 4.13 -13.62 -1.91
N HIS B 167 4.77 -14.31 -2.85
CA HIS B 167 4.10 -15.38 -3.57
C HIS B 167 3.85 -16.57 -2.64
N PRO B 168 2.70 -17.24 -2.77
CA PRO B 168 2.46 -18.42 -1.93
C PRO B 168 3.48 -19.52 -2.13
N GLY B 169 4.19 -19.52 -3.27
CA GLY B 169 5.17 -20.56 -3.49
C GLY B 169 6.48 -20.33 -2.81
N THR B 170 6.72 -19.12 -2.31
CA THR B 170 7.98 -18.82 -1.67
C THR B 170 8.20 -19.74 -0.48
N SER B 171 9.42 -20.25 -0.36
CA SER B 171 9.81 -21.12 0.74
C SER B 171 10.63 -20.30 1.74
N ILE B 172 10.13 -20.17 2.96
CA ILE B 172 10.72 -19.24 3.94
C ILE B 172 11.05 -20.00 5.20
N GLY B 173 12.28 -19.84 5.68
CA GLY B 173 12.72 -20.43 6.93
C GLY B 173 12.08 -19.78 8.13
N ASN B 174 12.64 -20.10 9.31
CA ASN B 174 12.04 -19.63 10.54
C ASN B 174 12.70 -18.32 11.00
N HIS B 175 12.05 -17.66 11.96
CA HIS B 175 12.52 -16.36 12.49
C HIS B 175 12.76 -15.36 11.36
N PHE B 176 11.75 -15.20 10.53
CA PHE B 176 11.80 -14.29 9.38
C PHE B 176 11.14 -12.97 9.74
N PHE B 177 11.84 -11.86 9.54
CA PHE B 177 11.34 -10.56 9.96
C PHE B 177 11.40 -9.57 8.79
N ILE B 178 10.23 -9.09 8.39
CA ILE B 178 10.12 -7.95 7.49
C ILE B 178 9.78 -6.73 8.34
N ASP B 179 10.64 -5.71 8.29
CA ASP B 179 10.40 -4.45 8.99
C ASP B 179 9.83 -3.46 7.98
N HIS B 180 8.72 -2.82 8.34
CA HIS B 180 8.00 -1.84 7.53
C HIS B 180 7.36 -2.53 6.35
N GLY B 181 8.16 -2.95 5.37
CA GLY B 181 7.71 -3.92 4.40
C GLY B 181 7.06 -3.38 3.15
N VAL B 182 6.59 -2.14 3.14
CA VAL B 182 5.89 -1.66 1.95
C VAL B 182 6.84 -1.73 0.77
N GLY B 183 6.36 -2.27 -0.34
CA GLY B 183 7.18 -2.40 -1.52
C GLY B 183 7.96 -3.69 -1.62
N VAL B 184 7.95 -4.53 -0.58
CA VAL B 184 8.66 -5.80 -0.62
C VAL B 184 7.99 -6.75 -1.59
N VAL B 185 8.78 -7.36 -2.47
CA VAL B 185 8.30 -8.32 -3.44
C VAL B 185 9.19 -9.55 -3.37
N ILE B 186 8.58 -10.72 -3.23
CA ILE B 186 9.33 -11.96 -3.13
C ILE B 186 8.66 -12.99 -4.03
N GLY B 187 9.39 -13.51 -4.98
CA GLY B 187 8.79 -14.26 -6.05
C GLY B 187 8.56 -15.74 -5.74
N GLU B 188 7.88 -16.37 -6.68
CA GLU B 188 7.38 -17.74 -6.51
C GLU B 188 8.49 -18.74 -6.21
N THR B 189 9.63 -18.66 -6.89
CA THR B 189 10.65 -19.68 -6.67
C THR B 189 11.74 -19.24 -5.70
N ALA B 190 11.56 -18.12 -5.02
CA ALA B 190 12.56 -17.69 -4.05
C ALA B 190 12.61 -18.64 -2.87
N VAL B 191 13.79 -18.74 -2.28
CA VAL B 191 14.04 -19.55 -1.10
C VAL B 191 14.75 -18.65 -0.08
N ILE B 192 14.23 -18.59 1.14
CA ILE B 192 14.82 -17.77 2.20
C ILE B 192 15.17 -18.67 3.39
N GLY B 193 16.35 -18.43 3.98
CA GLY B 193 16.83 -19.20 5.12
C GLY B 193 16.28 -18.75 6.46
N ASN B 194 17.02 -19.02 7.53
CA ASN B 194 16.60 -18.69 8.89
C ASN B 194 17.19 -17.37 9.33
N TRP B 195 16.47 -16.69 10.24
CA TRP B 195 16.94 -15.45 10.88
C TRP B 195 17.32 -14.40 9.84
N CYS B 196 16.53 -14.30 8.79
CA CYS B 196 16.71 -13.26 7.78
C CYS B 196 15.89 -12.03 8.11
N ARG B 197 16.42 -10.86 7.78
CA ARG B 197 15.75 -9.59 8.04
C ARG B 197 15.71 -8.79 6.75
N VAL B 198 14.52 -8.32 6.39
CA VAL B 198 14.27 -7.68 5.10
C VAL B 198 13.53 -6.38 5.35
N TYR B 199 13.94 -5.31 4.69
CA TYR B 199 13.37 -3.98 4.90
C TYR B 199 12.46 -3.59 3.74
N GLN B 200 11.86 -2.41 3.88
CA GLN B 200 10.94 -1.88 2.86
C GLN B 200 11.60 -1.82 1.49
N SER B 201 10.74 -1.95 0.45
CA SER B 201 11.11 -1.78 -0.95
C SER B 201 12.18 -2.77 -1.41
N VAL B 202 12.32 -3.89 -0.75
CA VAL B 202 13.28 -4.91 -1.20
C VAL B 202 12.57 -5.84 -2.15
N THR B 203 13.23 -6.19 -3.26
CA THR B 203 12.74 -7.17 -4.21
C THR B 203 13.64 -8.40 -4.23
N LEU B 204 13.04 -9.57 -4.07
CA LEU B 204 13.68 -10.86 -4.34
C LEU B 204 12.98 -11.40 -5.57
N GLY B 205 13.40 -10.92 -6.73
CA GLY B 205 12.60 -11.02 -7.93
C GLY B 205 13.38 -11.66 -9.07
N ALA B 206 12.72 -11.70 -10.23
CA ALA B 206 13.29 -12.24 -11.44
C ALA B 206 14.07 -11.16 -12.18
N MET B 207 14.90 -11.58 -13.13
CA MET B 207 15.65 -10.60 -13.94
C MET B 207 14.61 -9.77 -14.71
N SER B 208 14.73 -8.45 -14.64
CA SER B 208 13.78 -7.47 -15.25
C SER B 208 13.36 -7.89 -16.67
N PHE B 209 14.33 -8.22 -17.53
CA PHE B 209 14.05 -8.64 -18.91
C PHE B 209 14.97 -9.81 -19.27
N ASN B 220 10.75 -22.36 -14.46
CA ASN B 220 11.67 -22.96 -13.50
C ASN B 220 12.26 -21.90 -12.57
N LYS B 221 13.34 -22.25 -11.85
CA LYS B 221 13.85 -21.40 -10.79
C LYS B 221 14.35 -20.09 -11.38
N ARG B 222 13.77 -18.98 -10.95
CA ARG B 222 14.14 -17.70 -11.53
C ARG B 222 14.26 -16.61 -10.47
N HIS B 223 14.17 -16.96 -9.21
CA HIS B 223 14.24 -16.02 -8.11
C HIS B 223 15.39 -16.40 -7.19
N PRO B 224 15.84 -15.47 -6.33
CA PRO B 224 17.04 -15.73 -5.53
C PRO B 224 16.81 -16.76 -4.44
N THR B 225 17.93 -17.36 -4.02
CA THR B 225 18.02 -18.13 -2.79
C THR B 225 18.85 -17.35 -1.79
N ILE B 226 18.36 -17.25 -0.56
CA ILE B 226 18.96 -16.46 0.52
C ILE B 226 19.35 -17.43 1.63
N GLY B 227 20.60 -17.34 2.08
CA GLY B 227 21.05 -18.20 3.19
C GLY B 227 20.49 -17.79 4.53
N ASP B 228 21.14 -18.19 5.63
CA ASP B 228 20.71 -17.81 6.96
C ASP B 228 21.37 -16.50 7.38
N PHE B 229 20.71 -15.79 8.30
CA PHE B 229 21.27 -14.59 8.92
C PHE B 229 21.62 -13.51 7.90
N VAL B 230 20.81 -13.40 6.85
CA VAL B 230 21.00 -12.38 5.81
C VAL B 230 20.17 -11.16 6.16
N VAL B 231 20.74 -9.97 5.96
CA VAL B 231 20.05 -8.70 6.14
C VAL B 231 20.04 -7.98 4.80
N ILE B 232 18.87 -7.51 4.37
CA ILE B 232 18.74 -6.83 3.07
C ILE B 232 18.16 -5.45 3.33
N GLY B 233 18.98 -4.42 3.12
CA GLY B 233 18.59 -3.07 3.47
C GLY B 233 17.56 -2.49 2.52
N ALA B 234 16.97 -1.39 2.96
CA ALA B 234 15.86 -0.76 2.23
C ALA B 234 16.18 -0.54 0.76
N GLY B 235 15.25 -0.96 -0.11
CA GLY B 235 15.32 -0.66 -1.51
C GLY B 235 16.29 -1.49 -2.33
N ALA B 236 16.98 -2.44 -1.72
CA ALA B 236 17.84 -3.31 -2.52
C ALA B 236 17.00 -4.17 -3.46
N LYS B 237 17.52 -4.38 -4.66
CA LYS B 237 16.84 -5.19 -5.68
C LYS B 237 17.72 -6.40 -5.97
N VAL B 238 17.29 -7.58 -5.56
CA VAL B 238 18.08 -8.80 -5.70
C VAL B 238 17.39 -9.65 -6.74
N LEU B 239 18.01 -9.82 -7.91
CA LEU B 239 17.29 -10.31 -9.09
C LEU B 239 17.97 -11.51 -9.74
N GLY B 240 17.16 -12.47 -10.16
CA GLY B 240 17.64 -13.61 -10.93
C GLY B 240 17.83 -14.85 -10.06
N ASN B 241 18.16 -15.94 -10.75
CA ASN B 241 18.40 -17.23 -10.12
C ASN B 241 19.80 -17.25 -9.50
N ILE B 242 19.95 -16.52 -8.41
CA ILE B 242 21.24 -16.35 -7.75
C ILE B 242 21.13 -16.79 -6.30
N THR B 243 22.30 -16.93 -5.66
CA THR B 243 22.41 -17.38 -4.29
C THR B 243 23.15 -16.33 -3.48
N ILE B 244 22.54 -15.92 -2.37
CA ILE B 244 23.21 -15.09 -1.37
C ILE B 244 23.61 -16.02 -0.23
N GLY B 245 24.89 -16.04 0.12
CA GLY B 245 25.35 -16.88 1.20
C GLY B 245 24.85 -16.42 2.56
N SER B 246 25.06 -17.28 3.55
CA SER B 246 24.68 -16.93 4.91
C SER B 246 25.54 -15.79 5.43
N ASN B 247 24.98 -15.06 6.41
CA ASN B 247 25.67 -13.98 7.11
C ASN B 247 26.06 -12.84 6.18
N VAL B 248 25.30 -12.63 5.10
CA VAL B 248 25.55 -11.52 4.19
C VAL B 248 24.74 -10.32 4.64
N LYS B 249 25.31 -9.14 4.51
CA LYS B 249 24.59 -7.88 4.77
C LYS B 249 24.56 -7.05 3.49
N ILE B 250 23.38 -6.70 3.02
CA ILE B 250 23.24 -5.99 1.75
C ILE B 250 22.74 -4.59 2.03
N GLY B 251 23.56 -3.60 1.69
CA GLY B 251 23.24 -2.21 1.97
C GLY B 251 22.04 -1.72 1.16
N ALA B 252 21.47 -0.62 1.66
CA ALA B 252 20.31 -0.01 1.03
C ALA B 252 20.58 0.33 -0.44
N ASN B 253 19.56 0.13 -1.27
CA ASN B 253 19.51 0.49 -2.70
C ASN B 253 20.50 -0.26 -3.58
N CYS B 254 21.18 -1.29 -3.08
CA CYS B 254 22.04 -2.09 -3.96
C CYS B 254 21.24 -2.74 -5.08
N TRP B 255 21.85 -2.83 -6.24
CA TRP B 255 21.30 -3.62 -7.34
C TRP B 255 22.17 -4.85 -7.44
N ILE B 256 21.60 -6.01 -7.13
CA ILE B 256 22.38 -7.23 -6.96
C ILE B 256 21.89 -8.26 -7.96
N THR B 257 22.76 -8.63 -8.90
CA THR B 257 22.43 -9.61 -9.93
C THR B 257 23.43 -10.75 -9.98
N GLN B 258 24.30 -10.87 -8.98
CA GLN B 258 25.33 -11.92 -8.94
C GLN B 258 25.26 -12.70 -7.64
N ASN B 259 25.69 -13.96 -7.70
CA ASN B 259 25.93 -14.72 -6.48
C ASN B 259 26.80 -13.91 -5.52
N ILE B 260 26.52 -14.04 -4.22
CA ILE B 260 27.31 -13.38 -3.19
C ILE B 260 27.70 -14.43 -2.15
N ASP B 261 29.00 -14.54 -1.91
CA ASP B 261 29.57 -15.51 -0.97
C ASP B 261 29.18 -15.17 0.46
N GLN B 262 29.24 -16.17 1.32
CA GLN B 262 28.88 -15.98 2.73
C GLN B 262 29.81 -14.96 3.38
N ASP B 263 29.35 -14.41 4.51
CA ASP B 263 30.15 -13.51 5.35
C ASP B 263 30.62 -12.28 4.59
N GLN B 264 29.82 -11.80 3.65
CA GLN B 264 30.16 -10.61 2.88
C GLN B 264 29.25 -9.44 3.28
N ILE B 265 29.76 -8.25 2.99
CA ILE B 265 29.04 -7.00 3.16
C ILE B 265 29.03 -6.31 1.80
N VAL B 266 27.83 -5.97 1.31
CA VAL B 266 27.65 -5.42 -0.04
C VAL B 266 27.03 -4.04 0.07
N PHE B 267 27.58 -3.08 -0.67
CA PHE B 267 27.14 -1.70 -0.54
C PHE B 267 27.46 -0.97 -1.82
N ILE B 268 26.68 0.08 -2.10
CA ILE B 268 26.93 0.89 -3.29
C ILE B 268 28.33 1.46 -3.21
N SER B 269 29.06 1.37 -4.32
CA SER B 269 30.49 1.64 -4.33
C SER B 269 30.81 3.02 -3.79
N GLU B 270 30.33 4.07 -4.46
CA GLU B 270 30.77 5.42 -4.13
C GLU B 270 29.61 6.34 -3.78
N HIS B 271 29.97 7.38 -3.02
CA HIS B 271 29.04 8.42 -2.62
C HIS B 271 28.58 9.23 -3.85
N PRO B 272 27.49 9.98 -3.70
CA PRO B 272 27.02 10.85 -4.78
C PRO B 272 27.74 12.20 -4.79
N SER B 273 27.38 13.02 -5.79
CA SER B 273 27.93 14.34 -5.97
C SER B 273 27.19 15.39 -5.13
N GLN B 274 27.92 16.42 -4.72
CA GLN B 274 27.38 17.53 -3.95
C GLN B 274 27.81 18.84 -4.57
N ILE B 275 26.88 19.79 -4.68
CA ILE B 275 27.18 21.13 -5.16
C ILE B 275 26.47 22.13 -4.27
N THR B 276 27.06 23.31 -4.12
CA THR B 276 26.57 24.30 -3.16
C THR B 276 25.50 25.20 -3.77
N LYS B 277 24.58 25.65 -2.91
CA LYS B 277 23.43 26.50 -3.23
C LYS B 277 22.41 25.76 -4.07
N GLU B 304 3.25 35.08 3.30
CA GLU B 304 3.41 33.77 3.91
C GLU B 304 2.22 32.89 3.57
N ASN B 305 1.34 32.64 4.54
CA ASN B 305 0.14 31.80 4.29
C ASN B 305 -0.95 32.62 3.59
N LEU B 306 -1.24 33.84 4.07
CA LEU B 306 -2.31 34.65 3.43
C LEU B 306 -1.96 34.89 1.96
N SER B 307 -0.70 35.20 1.64
CA SER B 307 -0.26 35.38 0.24
C SER B 307 -0.63 34.14 -0.57
N TRP B 308 -0.28 32.95 -0.07
CA TRP B 308 -0.57 31.69 -0.80
C TRP B 308 -2.08 31.46 -0.93
N VAL B 309 -2.89 31.84 0.06
CA VAL B 309 -4.36 31.58 -0.03
C VAL B 309 -5.04 32.72 -0.79
N ASN B 310 -4.30 33.80 -1.06
CA ASN B 310 -4.82 34.94 -1.84
C ASN B 310 -4.87 34.51 -3.31
N SER B 311 -3.95 33.63 -3.71
CA SER B 311 -3.83 33.17 -5.13
C SER B 311 -4.96 32.26 -5.63
N PRO B 312 -5.57 31.33 -4.88
CA PRO B 312 -6.68 30.55 -5.41
C PRO B 312 -7.89 31.47 -5.64
N MET C 1 -13.43 14.38 30.05
CA MET C 1 -14.61 14.73 30.80
C MET C 1 -15.49 15.73 30.05
N SER C 2 -16.73 15.86 30.54
CA SER C 2 -17.79 16.51 29.77
C SER C 2 -17.47 17.97 29.47
N SER C 3 -16.92 18.68 30.45
CA SER C 3 -16.71 20.12 30.27
C SER C 3 -15.53 20.42 29.34
N LEU C 4 -14.48 19.60 29.40
CA LEU C 4 -13.38 19.83 28.48
C LEU C 4 -13.77 19.48 27.04
N LEU C 5 -14.63 18.48 26.86
CA LEU C 5 -15.16 18.19 25.53
C LEU C 5 -16.01 19.36 25.02
N GLN C 6 -16.76 20.02 25.89
CA GLN C 6 -17.61 21.11 25.43
C GLN C 6 -16.80 22.34 25.08
N GLN C 7 -15.78 22.66 25.87
CA GLN C 7 -14.97 23.83 25.55
C GLN C 7 -14.11 23.58 24.33
N THR C 8 -13.55 22.36 24.19
CA THR C 8 -12.85 22.02 22.95
C THR C 8 -13.77 22.09 21.74
N SER C 9 -15.03 21.63 21.89
CA SER C 9 -15.98 21.72 20.78
C SER C 9 -16.26 23.18 20.41
N GLN C 10 -16.37 24.07 21.41
CA GLN C 10 -16.61 25.47 21.10
C GLN C 10 -15.38 26.14 20.48
N LEU C 11 -14.17 25.74 20.90
CA LEU C 11 -12.97 26.28 20.28
C LEU C 11 -12.82 25.79 18.85
N LEU C 12 -13.23 24.55 18.59
CA LEU C 12 -13.25 24.04 17.22
C LEU C 12 -14.24 24.81 16.36
N VAL C 13 -15.47 25.01 16.87
CA VAL C 13 -16.47 25.75 16.12
C VAL C 13 -15.95 27.13 15.78
N GLN C 14 -15.35 27.81 16.75
CA GLN C 14 -14.76 29.12 16.48
C GLN C 14 -13.62 29.01 15.49
N SER C 15 -12.81 27.96 15.61
CA SER C 15 -11.77 27.76 14.61
C SER C 15 -12.38 27.60 13.21
N TYR C 16 -13.52 26.91 13.08
CA TYR C 16 -14.18 26.84 11.79
C TYR C 16 -14.52 28.24 11.28
N GLN C 17 -15.07 29.09 12.16
CA GLN C 17 -15.47 30.44 11.77
C GLN C 17 -14.28 31.26 11.32
N SER C 18 -13.13 31.06 11.95
CA SER C 18 -11.92 31.83 11.71
C SER C 18 -11.23 31.48 10.39
N ASP C 19 -11.65 30.41 9.72
CA ASP C 19 -10.95 29.92 8.54
C ASP C 19 -10.94 30.97 7.43
N ASN C 20 -9.90 30.89 6.60
CA ASN C 20 -9.85 31.66 5.37
C ASN C 20 -10.96 31.22 4.43
N ILE C 21 -11.28 32.09 3.49
CA ILE C 21 -12.29 31.79 2.45
C ILE C 21 -12.05 30.43 1.85
N ALA C 22 -10.78 30.12 1.54
CA ALA C 22 -10.42 28.97 0.72
C ALA C 22 -10.71 27.64 1.41
N PHE C 23 -10.73 27.60 2.74
CA PHE C 23 -10.97 26.36 3.45
C PHE C 23 -12.46 26.08 3.67
N LYS C 24 -13.33 26.98 3.22
CA LYS C 24 -14.77 26.80 3.33
C LYS C 24 -15.34 26.24 2.03
N SER C 25 -16.56 25.73 2.12
CA SER C 25 -17.21 25.13 0.97
C SER C 25 -18.71 25.01 1.22
N THR C 26 -19.50 25.46 0.26
CA THR C 26 -20.95 25.38 0.36
C THR C 26 -21.49 24.02 -0.06
N LYS C 27 -20.69 23.22 -0.77
CA LYS C 27 -21.19 21.99 -1.36
C LYS C 27 -21.13 20.85 -0.34
N GLN C 28 -21.77 19.75 -0.68
CA GLN C 28 -21.87 18.59 0.18
C GLN C 28 -21.30 17.39 -0.58
N PHE C 29 -20.24 16.78 -0.04
CA PHE C 29 -19.57 15.71 -0.77
C PHE C 29 -20.04 14.35 -0.28
N PRO C 30 -19.93 13.31 -1.12
CA PRO C 30 -20.30 11.97 -0.66
C PRO C 30 -19.36 11.52 0.46
N GLU C 31 -19.91 10.78 1.41
CA GLU C 31 -19.14 10.33 2.56
C GLU C 31 -17.93 9.52 2.10
N LYS C 32 -16.85 9.62 2.87
CA LYS C 32 -15.63 8.84 2.62
C LYS C 32 -15.44 7.87 3.77
N LYS C 33 -15.36 6.58 3.43
CA LYS C 33 -15.08 5.55 4.43
C LYS C 33 -13.61 5.14 4.39
N SER C 34 -13.09 4.77 5.57
CA SER C 34 -11.74 4.25 5.73
C SER C 34 -11.67 3.42 7.00
N PHE C 35 -11.20 4.02 8.09
CA PHE C 35 -11.30 3.41 9.41
C PHE C 35 -11.69 4.50 10.40
N LEU C 36 -12.12 4.07 11.58
CA LEU C 36 -12.90 4.94 12.46
C LEU C 36 -12.16 6.24 12.80
N GLU C 37 -10.93 6.13 13.30
CA GLU C 37 -10.24 7.34 13.75
C GLU C 37 -10.03 8.34 12.60
N LEU C 38 -9.73 7.86 11.40
CA LEU C 38 -9.51 8.79 10.29
C LEU C 38 -10.83 9.43 9.84
N GLU C 39 -11.90 8.63 9.75
CA GLU C 39 -13.20 9.22 9.43
C GLU C 39 -13.56 10.31 10.43
N LEU C 40 -13.35 10.05 11.72
CA LEU C 40 -13.77 11.03 12.71
C LEU C 40 -12.88 12.26 12.68
N ILE C 41 -11.57 12.08 12.54
CA ILE C 41 -10.67 13.24 12.56
C ILE C 41 -10.90 14.11 11.34
N GLN C 42 -11.09 13.50 10.16
CA GLN C 42 -11.51 14.24 8.97
C GLN C 42 -12.73 15.09 9.25
N LYS C 43 -13.79 14.48 9.80
CA LYS C 43 -15.04 15.21 10.02
C LYS C 43 -14.85 16.33 11.05
N ILE C 44 -14.02 16.07 12.08
CA ILE C 44 -13.79 17.07 13.12
C ILE C 44 -12.94 18.23 12.59
N LEU C 45 -11.92 17.93 11.77
CA LEU C 45 -11.04 18.99 11.30
C LEU C 45 -11.66 19.76 10.13
N PHE C 46 -12.34 19.09 9.21
CA PHE C 46 -12.87 19.74 8.01
C PHE C 46 -14.30 19.30 7.74
N PRO C 47 -15.25 19.78 8.54
CA PRO C 47 -16.64 19.34 8.36
C PRO C 47 -17.21 19.69 6.99
N ASP C 48 -16.80 20.82 6.39
CA ASP C 48 -17.38 21.21 5.11
C ASP C 48 -17.17 20.16 4.04
N PHE C 49 -16.11 19.35 4.16
CA PHE C 49 -15.75 18.40 3.12
C PHE C 49 -16.10 16.96 3.46
N PHE C 50 -16.55 16.68 4.69
CA PHE C 50 -16.73 15.31 5.10
C PHE C 50 -18.06 15.00 5.78
N THR C 51 -18.94 15.98 5.99
CA THR C 51 -20.21 15.75 6.68
C THR C 51 -21.36 16.35 5.88
N ARG C 52 -22.57 15.89 6.21
CA ARG C 52 -23.77 16.48 5.63
C ARG C 52 -23.96 17.89 6.15
N ARG C 53 -24.63 18.71 5.33
CA ARG C 53 -24.85 20.11 5.68
C ARG C 53 -25.63 20.27 6.98
N ASP C 54 -26.46 19.30 7.33
CA ASP C 54 -27.32 19.39 8.50
C ASP C 54 -26.69 18.80 9.75
N LYS C 55 -25.39 18.51 9.73
CA LYS C 55 -24.69 17.91 10.87
C LYS C 55 -23.49 18.76 11.26
N ARG C 56 -23.65 20.08 11.23
CA ARG C 56 -22.55 21.01 11.50
C ARG C 56 -22.88 21.97 12.64
N THR C 57 -23.72 21.55 13.58
CA THR C 57 -23.99 22.32 14.79
C THR C 57 -22.98 21.97 15.88
N PHE C 58 -22.95 22.80 16.93
CA PHE C 58 -22.04 22.55 18.06
C PHE C 58 -22.21 21.13 18.60
N ASN C 59 -23.45 20.70 18.81
CA ASN C 59 -23.69 19.37 19.35
C ASN C 59 -23.18 18.28 18.41
N ASN C 60 -23.31 18.50 17.10
CA ASN C 60 -22.71 17.56 16.13
C ASN C 60 -21.20 17.48 16.31
N VAL C 61 -20.53 18.63 16.43
CA VAL C 61 -19.10 18.64 16.69
C VAL C 61 -18.80 17.90 17.99
N LEU C 62 -19.59 18.19 19.03
CA LEU C 62 -19.39 17.57 20.33
C LEU C 62 -19.57 16.06 20.27
N GLU C 63 -20.58 15.60 19.52
CA GLU C 63 -20.76 14.15 19.39
C GLU C 63 -19.61 13.50 18.64
N ARG C 64 -19.15 14.10 17.53
CA ARG C 64 -18.03 13.51 16.80
C ARG C 64 -16.77 13.47 17.66
N LEU C 65 -16.46 14.60 18.32
CA LEU C 65 -15.29 14.66 19.19
C LEU C 65 -15.37 13.63 20.32
N SER C 66 -16.54 13.51 20.95
CA SER C 66 -16.73 12.56 22.05
C SER C 66 -16.57 11.13 21.57
N LEU C 67 -17.14 10.79 20.40
CA LEU C 67 -16.94 9.46 19.84
C LEU C 67 -15.45 9.17 19.66
N LEU C 68 -14.70 10.12 19.11
CA LEU C 68 -13.27 9.92 18.96
C LEU C 68 -12.60 9.74 20.31
N VAL C 69 -12.83 10.69 21.22
CA VAL C 69 -12.15 10.68 22.52
C VAL C 69 -12.45 9.38 23.25
N TYR C 70 -13.72 8.99 23.27
CA TYR C 70 -14.07 7.75 23.96
C TYR C 70 -13.46 6.53 23.26
N HIS C 71 -13.35 6.56 21.93
CA HIS C 71 -12.69 5.44 21.28
C HIS C 71 -11.21 5.36 21.67
N ILE C 72 -10.52 6.50 21.65
CA ILE C 72 -9.10 6.51 22.00
C ILE C 72 -8.90 6.13 23.45
N GLN C 73 -9.77 6.64 24.34
CA GLN C 73 -9.62 6.37 25.76
C GLN C 73 -9.70 4.87 26.05
N ASN C 74 -10.70 4.20 25.48
CA ASN C 74 -10.85 2.77 25.70
C ASN C 74 -9.67 2.01 25.11
N SER C 75 -9.19 2.45 23.95
CA SER C 75 -8.03 1.79 23.35
C SER C 75 -6.78 1.92 24.22
N ILE C 76 -6.54 3.11 24.79
CA ILE C 76 -5.37 3.27 25.65
C ILE C 76 -5.56 2.49 26.95
N GLU C 77 -6.72 2.66 27.60
CA GLU C 77 -7.07 1.83 28.75
C GLU C 77 -6.78 0.36 28.47
N ALA C 78 -7.18 -0.12 27.28
CA ALA C 78 -6.99 -1.52 26.94
C ALA C 78 -5.52 -1.92 27.01
N TYR C 79 -4.63 -1.04 26.56
CA TYR C 79 -3.18 -1.38 26.61
C TYR C 79 -2.60 -0.97 27.97
N TYR C 80 -3.17 0.03 28.63
CA TYR C 80 -2.58 0.52 29.89
C TYR C 80 -3.60 0.60 31.02
N ASN C 81 -4.07 1.82 31.31
CA ASN C 81 -5.02 2.03 32.43
C ASN C 81 -5.73 3.36 32.24
N GLN C 82 -6.80 3.57 33.02
CA GLN C 82 -7.63 4.81 32.98
C GLN C 82 -6.78 6.04 33.26
N GLN C 83 -5.86 5.96 34.23
CA GLN C 83 -5.01 7.11 34.61
C GLN C 83 -4.23 7.61 33.38
N LEU C 84 -3.44 6.76 32.73
CA LEU C 84 -2.67 7.22 31.57
C LEU C 84 -3.60 7.62 30.42
N ALA C 85 -4.70 6.88 30.22
CA ALA C 85 -5.61 7.19 29.14
C ALA C 85 -6.17 8.60 29.28
N GLU C 86 -6.56 8.99 30.51
CA GLU C 86 -7.07 10.34 30.72
C GLU C 86 -5.98 11.37 30.50
N LYS C 87 -4.76 11.08 30.93
CA LYS C 87 -3.65 12.01 30.69
C LYS C 87 -3.48 12.31 29.21
N CYS C 88 -3.52 11.26 28.37
CA CYS C 88 -3.36 11.43 26.94
C CYS C 88 -4.54 12.17 26.33
N ILE C 89 -5.76 11.79 26.73
CA ILE C 89 -6.97 12.39 26.17
C ILE C 89 -7.03 13.87 26.51
N THR C 90 -6.72 14.22 27.76
CA THR C 90 -6.65 15.61 28.18
C THR C 90 -5.65 16.39 27.34
N ALA C 91 -4.45 15.84 27.15
CA ALA C 91 -3.44 16.53 26.34
C ALA C 91 -3.94 16.73 24.91
N LEU C 92 -4.51 15.68 24.32
CA LEU C 92 -4.97 15.78 22.93
C LEU C 92 -6.05 16.85 22.80
N LEU C 93 -7.03 16.82 23.71
CA LEU C 93 -8.10 17.81 23.66
C LEU C 93 -7.55 19.24 23.74
N SER C 94 -6.60 19.48 24.66
CA SER C 94 -6.07 20.83 24.80
C SER C 94 -5.33 21.27 23.55
N GLN C 95 -4.88 20.33 22.72
CA GLN C 95 -4.08 20.68 21.56
C GLN C 95 -4.83 20.54 20.25
N PHE C 96 -6.14 20.28 20.31
CA PHE C 96 -6.86 19.89 19.12
C PHE C 96 -6.90 21.01 18.09
N VAL C 97 -7.13 22.25 18.54
CA VAL C 97 -7.21 23.33 17.57
C VAL C 97 -5.81 23.67 17.07
N THR C 98 -4.78 23.44 17.88
CA THR C 98 -3.40 23.58 17.39
C THR C 98 -3.13 22.59 16.28
N ILE C 99 -3.49 21.33 16.49
CA ILE C 99 -3.34 20.30 15.46
C ILE C 99 -4.05 20.74 14.18
N ARG C 100 -5.28 21.23 14.32
CA ARG C 100 -6.02 21.71 13.15
C ARG C 100 -5.23 22.80 12.40
N GLU C 101 -4.57 23.71 13.12
CA GLU C 101 -3.79 24.75 12.47
C GLU C 101 -2.62 24.15 11.70
N LEU C 102 -1.92 23.20 12.31
CA LEU C 102 -0.79 22.55 11.65
C LEU C 102 -1.25 21.81 10.39
N VAL C 103 -2.38 21.10 10.46
CA VAL C 103 -2.86 20.35 9.30
C VAL C 103 -3.20 21.28 8.16
N LYS C 104 -3.85 22.42 8.46
CA LYS C 104 -4.11 23.42 7.43
C LYS C 104 -2.81 23.89 6.78
N GLN C 105 -1.73 24.00 7.57
CA GLN C 105 -0.46 24.38 6.96
C GLN C 105 0.12 23.26 6.12
N ASP C 106 -0.09 22.00 6.52
CA ASP C 106 0.28 20.87 5.66
C ASP C 106 -0.48 20.95 4.35
N ILE C 107 -1.77 21.30 4.40
CA ILE C 107 -2.57 21.41 3.18
C ILE C 107 -2.03 22.53 2.31
N ILE C 108 -1.71 23.68 2.91
CA ILE C 108 -1.12 24.79 2.15
C ILE C 108 0.19 24.34 1.48
N ALA C 109 1.03 23.62 2.22
CA ALA C 109 2.28 23.12 1.66
C ALA C 109 2.03 22.21 0.46
N ALA C 110 1.00 21.38 0.52
CA ALA C 110 0.67 20.50 -0.60
C ALA C 110 0.27 21.30 -1.84
N TYR C 111 -0.55 22.34 -1.65
CA TYR C 111 -0.99 23.16 -2.78
C TYR C 111 0.19 23.86 -3.45
N THR C 112 1.05 24.51 -2.66
CA THR C 112 2.19 25.19 -3.27
C THR C 112 3.23 24.20 -3.79
N GLY C 113 3.32 23.01 -3.19
CA GLY C 113 4.35 22.08 -3.58
C GLY C 113 4.01 21.10 -4.70
N ASP C 114 2.79 21.10 -5.22
CA ASP C 114 2.36 20.09 -6.20
C ASP C 114 1.58 20.73 -7.35
N PRO C 115 2.11 20.70 -8.58
CA PRO C 115 1.35 21.24 -9.72
C PRO C 115 0.05 20.49 -9.98
N ALA C 116 -0.05 19.23 -9.58
CA ALA C 116 -1.28 18.49 -9.77
C ALA C 116 -2.34 18.84 -8.75
N ALA C 117 -1.97 19.60 -7.73
CA ALA C 117 -2.90 19.97 -6.66
C ALA C 117 -3.67 21.18 -7.15
N SER C 118 -4.89 20.97 -7.62
CA SER C 118 -5.64 22.06 -8.23
C SER C 118 -6.46 22.86 -7.22
N SER C 119 -6.77 22.30 -6.05
CA SER C 119 -7.70 22.94 -5.13
C SER C 119 -7.54 22.34 -3.75
N LEU C 120 -7.94 23.10 -2.74
CA LEU C 120 -7.84 22.58 -1.38
C LEU C 120 -8.82 21.43 -1.18
N ALA C 121 -10.02 21.51 -1.78
CA ALA C 121 -10.98 20.42 -1.71
C ALA C 121 -10.34 19.08 -2.06
N MET C 122 -9.69 19.02 -3.23
CA MET C 122 -9.02 17.81 -3.68
C MET C 122 -7.97 17.35 -2.66
N ILE C 123 -7.18 18.30 -2.14
CA ILE C 123 -6.13 17.94 -1.19
C ILE C 123 -6.71 17.37 0.08
N ILE C 124 -7.76 18.00 0.60
CA ILE C 124 -8.33 17.64 1.90
C ILE C 124 -9.00 16.27 1.82
N ARG C 125 -9.67 15.99 0.71
CA ARG C 125 -10.43 14.75 0.60
C ARG C 125 -9.57 13.58 0.17
N SER C 126 -8.48 13.82 -0.58
CA SER C 126 -7.84 12.74 -1.33
C SER C 126 -6.33 12.61 -1.18
N TYR C 127 -5.63 13.59 -0.62
CA TYR C 127 -4.17 13.48 -0.55
C TYR C 127 -3.78 12.57 0.60
N PRO C 128 -3.11 11.44 0.33
CA PRO C 128 -2.72 10.54 1.43
C PRO C 128 -1.66 11.12 2.34
N GLY C 129 -0.80 12.01 1.83
CA GLY C 129 0.16 12.67 2.70
C GLY C 129 -0.48 13.61 3.69
N ILE C 130 -1.62 14.19 3.34
CA ILE C 130 -2.38 14.97 4.31
C ILE C 130 -3.01 14.04 5.34
N HIS C 131 -3.67 12.97 4.87
CA HIS C 131 -4.36 12.08 5.80
C HIS C 131 -3.39 11.45 6.79
N VAL C 132 -2.18 11.12 6.35
CA VAL C 132 -1.23 10.52 7.28
C VAL C 132 -0.83 11.54 8.35
N MET C 133 -0.83 12.83 8.01
CA MET C 133 -0.40 13.83 9.00
C MET C 133 -1.56 14.21 9.93
N MET C 134 -2.80 14.14 9.47
CA MET C 134 -3.94 14.19 10.38
C MET C 134 -3.77 13.16 11.49
N ILE C 135 -3.41 11.93 11.12
CA ILE C 135 -3.27 10.89 12.14
C ILE C 135 -2.01 11.10 12.97
N GLN C 136 -0.88 11.42 12.32
CA GLN C 136 0.39 11.45 13.02
C GLN C 136 0.43 12.56 14.07
N ARG C 137 -0.09 13.73 13.74
CA ARG C 137 -0.09 14.82 14.72
C ARG C 137 -0.96 14.46 15.93
N VAL C 138 -2.02 13.67 15.73
CA VAL C 138 -2.77 13.17 16.88
C VAL C 138 -1.95 12.12 17.63
N ALA C 139 -1.38 11.15 16.89
CA ALA C 139 -0.64 10.07 17.52
C ALA C 139 0.59 10.55 18.25
N HIS C 140 1.22 11.62 17.77
CA HIS C 140 2.41 12.13 18.42
C HIS C 140 2.10 12.66 19.81
N ILE C 141 0.99 13.40 19.97
CA ILE C 141 0.55 13.83 21.30
C ILE C 141 0.42 12.64 22.23
N LEU C 142 -0.26 11.59 21.76
CA LEU C 142 -0.47 10.40 22.59
C LEU C 142 0.86 9.77 22.97
N TYR C 143 1.78 9.70 22.01
CA TYR C 143 3.08 9.12 22.27
C TYR C 143 3.86 9.94 23.30
N MET C 144 3.89 11.26 23.14
CA MET C 144 4.67 12.11 24.03
C MET C 144 4.17 12.04 25.47
N ASN C 145 2.88 11.74 25.66
CA ASN C 145 2.29 11.70 26.99
C ASN C 145 2.23 10.28 27.57
N GLY C 146 2.93 9.33 26.96
CA GLY C 146 3.13 8.03 27.59
C GLY C 146 2.52 6.84 26.88
N ASP C 147 1.64 7.03 25.89
CA ASP C 147 0.99 5.90 25.21
C ASP C 147 1.77 5.54 23.94
N ILE C 148 2.67 4.58 24.06
CA ILE C 148 3.49 4.21 22.93
C ILE C 148 2.93 2.99 22.18
N GLU C 149 1.89 2.35 22.71
CA GLU C 149 1.30 1.17 22.09
C GLU C 149 0.12 1.49 21.21
N TYR C 150 -0.84 2.25 21.72
CA TYR C 150 -1.99 2.60 20.90
C TYR C 150 -1.60 3.60 19.81
N SER C 151 -0.72 4.57 20.12
CA SER C 151 -0.25 5.48 19.09
C SER C 151 0.46 4.74 17.96
N ARG C 152 1.17 3.65 18.29
CA ARG C 152 1.76 2.83 17.24
C ARG C 152 0.67 2.13 16.42
N GLU C 153 -0.30 1.54 17.14
CA GLU C 153 -1.44 0.85 16.48
C GLU C 153 -2.10 1.83 15.50
N LEU C 154 -2.41 3.04 15.99
CA LEU C 154 -3.01 4.08 15.16
C LEU C 154 -2.19 4.33 13.89
N MET C 155 -0.88 4.56 14.04
CA MET C 155 -0.05 4.81 12.87
C MET C 155 -0.03 3.61 11.94
N GLU C 156 -0.12 2.39 12.47
CA GLU C 156 -0.14 1.23 11.57
C GLU C 156 -1.44 1.15 10.80
N ASN C 157 -2.55 1.61 11.39
CA ASN C 157 -3.81 1.63 10.66
C ASN C 157 -3.74 2.57 9.46
N ILE C 158 -3.20 3.78 9.65
CA ILE C 158 -3.10 4.71 8.52
C ILE C 158 -2.03 4.20 7.54
N HIS C 159 -1.05 3.45 8.04
CA HIS C 159 -0.05 2.79 7.18
C HIS C 159 -0.71 1.83 6.20
N SER C 160 -1.68 1.01 6.65
CA SER C 160 -2.34 0.06 5.77
C SER C 160 -3.06 0.76 4.62
N VAL C 161 -3.64 1.94 4.90
CA VAL C 161 -4.47 2.64 3.93
C VAL C 161 -3.63 3.47 2.96
N THR C 162 -2.50 4.03 3.39
CA THR C 162 -1.73 4.91 2.53
C THR C 162 -0.41 4.31 2.05
N GLY C 163 0.08 3.24 2.66
CA GLY C 163 1.45 2.82 2.40
C GLY C 163 2.52 3.76 2.90
N ILE C 164 2.17 4.76 3.72
CA ILE C 164 3.13 5.68 4.36
C ILE C 164 3.32 5.28 5.82
N ASP C 165 4.57 5.12 6.22
CA ASP C 165 4.94 4.54 7.52
C ASP C 165 5.66 5.59 8.34
N ILE C 166 4.96 6.29 9.22
CA ILE C 166 5.59 7.30 10.08
C ILE C 166 5.39 6.89 11.52
N HIS C 167 6.48 6.87 12.27
CA HIS C 167 6.40 6.47 13.65
C HIS C 167 5.73 7.56 14.47
N PRO C 168 4.93 7.18 15.47
CA PRO C 168 4.28 8.20 16.30
C PRO C 168 5.27 9.09 17.05
N GLY C 169 6.48 8.59 17.32
CA GLY C 169 7.48 9.39 18.01
C GLY C 169 8.17 10.41 17.13
N THR C 170 8.03 10.30 15.81
CA THR C 170 8.66 11.26 14.92
C THR C 170 8.19 12.68 15.23
N SER C 171 9.13 13.62 15.22
CA SER C 171 8.83 15.02 15.50
C SER C 171 8.94 15.79 14.18
N ILE C 172 7.87 16.48 13.81
CA ILE C 172 7.73 17.01 12.46
C ILE C 172 7.29 18.45 12.56
N GLY C 173 8.01 19.34 11.88
CA GLY C 173 7.66 20.75 11.86
C GLY C 173 6.47 21.01 10.96
N ASN C 174 6.22 22.30 10.73
CA ASN C 174 5.01 22.71 10.04
C ASN C 174 5.22 22.75 8.53
N HIS C 175 4.11 22.82 7.79
CA HIS C 175 4.14 22.85 6.32
C HIS C 175 4.89 21.65 5.75
N PHE C 176 4.54 20.46 6.23
CA PHE C 176 5.17 19.22 5.78
C PHE C 176 4.33 18.60 4.67
N PHE C 177 4.96 18.30 3.54
CA PHE C 177 4.26 17.75 2.39
C PHE C 177 4.92 16.44 1.97
N ILE C 178 4.17 15.34 2.05
CA ILE C 178 4.53 14.08 1.42
C ILE C 178 3.72 13.95 0.14
N ASP C 179 4.39 13.91 -1.00
CA ASP C 179 3.72 13.65 -2.27
C ASP C 179 3.80 12.18 -2.61
N HIS C 180 2.65 11.61 -3.00
CA HIS C 180 2.53 10.21 -3.39
C HIS C 180 2.69 9.32 -2.16
N GLY C 181 3.91 9.16 -1.65
CA GLY C 181 4.11 8.69 -0.31
C GLY C 181 4.29 7.19 -0.14
N VAL C 182 3.79 6.35 -1.06
CA VAL C 182 3.89 4.91 -0.86
C VAL C 182 5.35 4.53 -0.70
N GLY C 183 5.64 3.70 0.31
CA GLY C 183 7.00 3.34 0.64
C GLY C 183 7.76 4.33 1.49
N VAL C 184 7.17 5.48 1.85
CA VAL C 184 7.83 6.40 2.78
C VAL C 184 7.92 5.73 4.15
N VAL C 185 9.11 5.76 4.74
CA VAL C 185 9.32 5.24 6.07
C VAL C 185 10.10 6.27 6.87
N ILE C 186 9.56 6.68 8.00
CA ILE C 186 10.21 7.68 8.85
C ILE C 186 10.21 7.14 10.27
N GLY C 187 11.42 7.02 10.85
CA GLY C 187 11.63 6.29 12.08
C GLY C 187 11.36 7.09 13.35
N GLU C 188 11.40 6.36 14.48
CA GLU C 188 10.90 6.85 15.76
C GLU C 188 11.64 8.09 16.24
N THR C 189 12.95 8.16 16.03
CA THR C 189 13.76 9.27 16.54
C THR C 189 14.09 10.33 15.48
N ALA C 190 13.48 10.24 14.30
CA ALA C 190 13.78 11.23 13.27
C ALA C 190 13.14 12.58 13.64
N VAL C 191 13.78 13.65 13.19
CA VAL C 191 13.32 15.02 13.38
C VAL C 191 13.28 15.67 12.01
N ILE C 192 12.17 16.36 11.71
CA ILE C 192 11.99 17.03 10.43
C ILE C 192 11.58 18.47 10.71
N GLY C 193 12.28 19.42 10.09
CA GLY C 193 11.98 20.82 10.25
C GLY C 193 10.78 21.25 9.44
N ASN C 194 10.76 22.53 9.07
CA ASN C 194 9.60 23.14 8.45
C ASN C 194 9.73 23.15 6.94
N TRP C 195 8.57 23.09 6.27
CA TRP C 195 8.51 23.29 4.82
C TRP C 195 9.36 22.26 4.08
N CYS C 196 9.39 21.04 4.60
CA CYS C 196 10.07 19.96 3.90
C CYS C 196 9.11 19.27 2.95
N ARG C 197 9.67 18.65 1.92
CA ARG C 197 8.91 17.93 0.91
C ARG C 197 9.56 16.59 0.66
N VAL C 198 8.78 15.52 0.79
CA VAL C 198 9.26 14.14 0.71
C VAL C 198 8.43 13.38 -0.31
N TYR C 199 9.11 12.59 -1.15
CA TYR C 199 8.44 11.84 -2.20
C TYR C 199 8.34 10.35 -1.83
N GLN C 200 7.75 9.60 -2.76
CA GLN C 200 7.54 8.17 -2.58
C GLN C 200 8.86 7.42 -2.38
N SER C 201 8.77 6.30 -1.68
CA SER C 201 9.89 5.39 -1.46
C SER C 201 11.08 6.04 -0.76
N VAL C 202 10.86 7.12 0.01
CA VAL C 202 11.94 7.74 0.78
C VAL C 202 11.96 7.11 2.17
N THR C 203 13.16 6.74 2.62
CA THR C 203 13.40 6.26 3.98
C THR C 203 14.23 7.29 4.73
N LEU C 204 13.73 7.73 5.88
CA LEU C 204 14.50 8.39 6.93
C LEU C 204 14.62 7.37 8.06
N GLY C 205 15.67 6.55 8.01
CA GLY C 205 15.69 5.31 8.74
C GLY C 205 16.96 5.14 9.57
N ALA C 206 17.03 3.97 10.19
CA ALA C 206 18.21 3.57 10.94
C ALA C 206 19.18 2.88 9.99
N MET C 207 20.44 2.81 10.41
CA MET C 207 21.42 1.99 9.69
C MET C 207 20.85 0.59 9.47
N SER C 208 20.98 0.09 8.24
CA SER C 208 20.46 -1.23 7.91
C SER C 208 21.01 -2.29 8.87
N PHE C 209 22.32 -2.22 9.16
CA PHE C 209 23.01 -3.18 10.00
C PHE C 209 24.22 -2.50 10.66
N ASN C 220 21.08 6.11 21.49
CA ASN C 220 19.66 6.54 21.62
C ASN C 220 19.08 6.91 20.25
N LYS C 221 19.36 8.12 19.77
CA LYS C 221 18.88 8.60 18.45
C LYS C 221 19.52 7.76 17.35
N ARG C 222 18.73 7.21 16.42
CA ARG C 222 19.34 6.36 15.37
C ARG C 222 18.76 6.72 14.00
N HIS C 223 18.01 7.80 13.93
CA HIS C 223 17.33 8.23 12.72
C HIS C 223 17.75 9.65 12.39
N PRO C 224 17.56 10.10 11.15
CA PRO C 224 18.13 11.39 10.74
C PRO C 224 17.35 12.56 11.29
N THR C 225 18.05 13.68 11.35
CA THR C 225 17.47 14.98 11.60
C THR C 225 17.57 15.79 10.31
N ILE C 226 16.45 16.36 9.88
CA ILE C 226 16.38 17.15 8.66
C ILE C 226 16.02 18.58 9.03
N GLY C 227 16.67 19.56 8.39
CA GLY C 227 16.41 20.95 8.67
C GLY C 227 15.21 21.48 7.91
N ASP C 228 15.16 22.80 7.73
CA ASP C 228 14.05 23.44 7.04
C ASP C 228 14.27 23.43 5.54
N PHE C 229 13.16 23.42 4.79
CA PHE C 229 13.19 23.54 3.32
C PHE C 229 14.05 22.46 2.67
N VAL C 230 13.97 21.24 3.18
CA VAL C 230 14.70 20.13 2.58
C VAL C 230 13.76 19.39 1.64
N VAL C 231 14.27 19.03 0.46
CA VAL C 231 13.50 18.25 -0.49
C VAL C 231 14.20 16.92 -0.69
N ILE C 232 13.46 15.82 -0.55
CA ILE C 232 14.06 14.50 -0.69
C ILE C 232 13.33 13.76 -1.81
N GLY C 233 14.05 13.50 -2.90
CA GLY C 233 13.45 12.90 -4.08
C GLY C 233 13.21 11.40 -3.93
N ALA C 234 12.47 10.87 -4.90
CA ALA C 234 11.92 9.52 -4.81
C ALA C 234 13.01 8.48 -4.66
N GLY C 235 12.82 7.55 -3.74
CA GLY C 235 13.74 6.44 -3.62
C GLY C 235 14.98 6.71 -2.79
N ALA C 236 15.18 7.93 -2.30
CA ALA C 236 16.36 8.22 -1.49
C ALA C 236 16.27 7.50 -0.14
N LYS C 237 17.40 6.98 0.30
CA LYS C 237 17.50 6.34 1.61
C LYS C 237 18.46 7.14 2.47
N VAL C 238 17.97 7.71 3.56
CA VAL C 238 18.78 8.53 4.46
C VAL C 238 18.83 7.80 5.78
N LEU C 239 20.01 7.25 6.12
CA LEU C 239 20.12 6.24 7.17
C LEU C 239 21.09 6.65 8.25
N GLY C 240 20.69 6.44 9.50
CA GLY C 240 21.53 6.67 10.66
C GLY C 240 21.22 7.98 11.35
N ASN C 241 21.89 8.19 12.47
CA ASN C 241 21.81 9.46 13.19
C ASN C 241 22.71 10.49 12.50
N ILE C 242 22.20 11.03 11.40
CA ILE C 242 22.91 12.03 10.61
C ILE C 242 22.00 13.24 10.48
N THR C 243 22.58 14.33 10.00
CA THR C 243 21.87 15.59 9.84
C THR C 243 21.94 16.06 8.40
N ILE C 244 20.79 16.44 7.87
CA ILE C 244 20.66 17.12 6.59
C ILE C 244 20.36 18.58 6.93
N GLY C 245 21.27 19.47 6.60
CA GLY C 245 21.06 20.87 6.94
C GLY C 245 19.96 21.49 6.12
N SER C 246 19.58 22.72 6.49
CA SER C 246 18.46 23.36 5.82
C SER C 246 18.76 23.66 4.36
N ASN C 247 17.69 23.76 3.56
CA ASN C 247 17.79 24.13 2.15
C ASN C 247 18.68 23.16 1.37
N VAL C 248 18.50 21.87 1.62
CA VAL C 248 19.23 20.83 0.89
C VAL C 248 18.24 20.16 -0.05
N LYS C 249 18.70 19.85 -1.24
CA LYS C 249 17.89 19.13 -2.23
C LYS C 249 18.56 17.78 -2.49
N ILE C 250 17.85 16.70 -2.24
CA ILE C 250 18.43 15.36 -2.36
C ILE C 250 17.80 14.66 -3.55
N GLY C 251 18.62 14.33 -4.55
CA GLY C 251 18.12 13.74 -5.77
C GLY C 251 17.61 12.32 -5.59
N ALA C 252 16.82 11.89 -6.57
CA ALA C 252 16.17 10.58 -6.53
C ALA C 252 17.19 9.46 -6.38
N ASN C 253 16.82 8.44 -5.60
CA ASN C 253 17.58 7.20 -5.39
C ASN C 253 18.91 7.38 -4.68
N CYS C 254 19.19 8.53 -4.09
CA CYS C 254 20.44 8.73 -3.35
C CYS C 254 20.52 7.80 -2.14
N TRP C 255 21.74 7.33 -1.82
CA TRP C 255 22.00 6.58 -0.61
C TRP C 255 22.85 7.47 0.30
N ILE C 256 22.22 8.07 1.31
CA ILE C 256 22.87 9.07 2.16
C ILE C 256 23.13 8.44 3.52
N THR C 257 24.41 8.28 3.85
CA THR C 257 24.79 7.78 5.16
C THR C 257 25.69 8.73 5.95
N GLN C 258 25.90 9.97 5.48
CA GLN C 258 26.71 10.97 6.15
C GLN C 258 25.98 12.31 6.20
N ASN C 259 26.40 13.19 7.12
CA ASN C 259 25.80 14.52 7.21
C ASN C 259 25.93 15.27 5.88
N ILE C 260 24.97 16.16 5.64
CA ILE C 260 24.98 17.05 4.47
C ILE C 260 24.78 18.47 5.00
N ASP C 261 25.74 19.36 4.73
CA ASP C 261 25.63 20.73 5.17
C ASP C 261 24.53 21.45 4.41
N GLN C 262 24.12 22.59 4.96
CA GLN C 262 23.03 23.38 4.40
C GLN C 262 23.41 23.93 3.02
N ASP C 263 22.38 24.32 2.27
CA ASP C 263 22.54 24.94 0.93
C ASP C 263 23.30 24.02 -0.03
N GLN C 264 22.94 22.74 -0.06
CA GLN C 264 23.60 21.79 -0.94
C GLN C 264 22.57 21.11 -1.85
N ILE C 265 23.03 20.70 -3.02
CA ILE C 265 22.31 19.77 -3.89
C ILE C 265 23.11 18.47 -3.93
N VAL C 266 22.42 17.35 -3.74
CA VAL C 266 23.07 16.04 -3.72
C VAL C 266 22.40 15.16 -4.77
N PHE C 267 23.21 14.44 -5.55
CA PHE C 267 22.65 13.61 -6.60
C PHE C 267 23.66 12.56 -6.98
N ILE C 268 23.15 11.43 -7.48
CA ILE C 268 24.02 10.41 -8.05
C ILE C 268 24.81 11.03 -9.19
N SER C 269 26.12 10.79 -9.22
CA SER C 269 27.01 11.57 -10.09
C SER C 269 27.14 11.02 -11.50
N GLU C 270 26.83 9.74 -11.72
CA GLU C 270 27.08 9.06 -12.98
C GLU C 270 25.76 8.64 -13.61
N HIS C 271 25.59 8.92 -14.90
CA HIS C 271 24.42 8.46 -15.60
C HIS C 271 24.51 6.96 -15.88
N PRO C 272 23.37 6.29 -15.97
CA PRO C 272 23.39 4.88 -16.38
C PRO C 272 24.05 4.69 -17.74
N SER C 273 24.74 3.57 -17.88
CA SER C 273 25.29 3.15 -19.16
C SER C 273 24.19 2.61 -20.06
N GLN C 274 24.44 2.65 -21.37
CA GLN C 274 23.49 2.18 -22.37
C GLN C 274 24.20 1.41 -23.47
N ILE C 275 23.48 0.46 -24.08
CA ILE C 275 23.96 -0.30 -25.23
C ILE C 275 22.78 -0.53 -26.17
N THR C 276 23.08 -0.73 -27.45
CA THR C 276 22.05 -1.03 -28.43
C THR C 276 21.73 -2.53 -28.43
N LYS C 277 20.53 -2.86 -28.96
CA LYS C 277 19.92 -4.19 -29.09
C LYS C 277 19.03 -4.44 -27.88
N GLU C 304 0.11 -11.54 -31.22
CA GLU C 304 -1.30 -11.56 -31.67
C GLU C 304 -2.15 -12.22 -30.58
N ASN C 305 -3.14 -11.50 -30.09
CA ASN C 305 -4.04 -11.97 -28.99
C ASN C 305 -4.58 -13.37 -29.29
N LEU C 306 -5.10 -13.61 -30.49
CA LEU C 306 -5.71 -14.93 -30.80
C LEU C 306 -4.67 -16.04 -30.66
N SER C 307 -3.47 -15.83 -31.19
CA SER C 307 -2.39 -16.84 -31.06
C SER C 307 -2.08 -17.04 -29.57
N TRP C 308 -2.02 -15.96 -28.80
CA TRP C 308 -1.73 -16.15 -27.37
C TRP C 308 -2.88 -16.88 -26.67
N VAL C 309 -4.14 -16.53 -26.97
CA VAL C 309 -5.29 -17.16 -26.28
C VAL C 309 -5.46 -18.63 -26.68
N ASN C 310 -4.91 -19.07 -27.82
CA ASN C 310 -5.07 -20.50 -28.16
C ASN C 310 -4.10 -21.28 -27.28
N SER C 311 -2.92 -20.71 -27.06
CA SER C 311 -1.83 -21.31 -26.24
C SER C 311 -2.36 -21.90 -24.93
N PRO C 312 -3.05 -21.14 -24.05
CA PRO C 312 -3.48 -21.64 -22.75
C PRO C 312 -4.85 -22.33 -22.68
N GLU C 313 -5.71 -22.08 -23.65
CA GLU C 313 -7.05 -22.73 -23.64
C GLU C 313 -7.00 -23.90 -24.63
N CYS D . 6.19 -12.07 -11.56
CA CYS D . 7.47 -12.36 -12.25
C CYS D . 7.85 -13.84 -12.07
O CYS D . 7.19 -14.57 -11.40
CB CYS D . 8.57 -11.43 -11.75
SG CYS D . 8.97 -11.61 -10.01
OXT CYS D . 8.86 -14.24 -12.66
N CYS E . 2.85 15.41 -8.24
CA CYS E . 4.01 16.11 -8.86
C CYS E . 3.62 16.66 -10.25
O CYS E . 2.47 16.45 -10.63
CB CYS E . 5.22 15.18 -8.98
SG CYS E . 4.95 13.71 -9.98
OXT CYS E . 4.43 17.27 -10.88
N CYS F . 12.36 -0.09 12.97
CA CYS F . 13.83 0.16 13.02
C CYS F . 14.15 1.20 14.09
O CYS F . 13.25 1.78 14.64
CB CYS F . 14.36 0.60 11.66
SG CYS F . 13.79 2.23 11.12
OXT CYS F . 15.34 1.41 14.34
#